data_2P8X
#
_entry.id   2P8X
#
_cell.length_a   1.0
_cell.length_b   1.0
_cell.length_c   1.0
_cell.angle_alpha   90.0
_cell.angle_beta   90.0
_cell.angle_gamma   90.0
#
_symmetry.space_group_name_H-M   'P 1'
#
loop_
_entity.id
_entity.type
_entity.pdbx_description
1 polymer 'Elongation factor 2'
2 polymer 'Elongation factor Tu-B'
3 non-polymer ADENOSINE-5-DIPHOSPHORIBOSE
4 non-polymer 'PHOSPHOAMINOPHOSPHONIC ACID-GUANYLATE ESTER'
#
loop_
_entity_poly.entity_id
_entity_poly.type
_entity_poly.pdbx_seq_one_letter_code
_entity_poly.pdbx_strand_id
1 'polypeptide(L)'
;MVAFTVDQMRSLMDKVTNVRNMSVIAHVDHGKSTLTDSLVQRAGIISAAKAGEARFTDTRKDEQERGITIKSTAISLYSE
MSDEDVKEIKQKTDGNSFLINLIDSPGHVDFSSEVTAALRVTDGALVVVDTIEGVCVQTETVLRQALGERIKPVVVINKV
DRALLELQVSKEDLYQTFARTVESVNVIVSTYADEVLGDVQVYPARGTVAFGSGLHGWAFTIRQFATRYAKKFGVDKAKM
MDRLWGDSFFNPKTKKWTNKDTDAEGKPLERAFNMFILDPIFRLFTAIMNFKKDEIPVLLEKLEIVLKGDEKDLEGKALL
KVVMRKFLPAADALLEMIVLHLPSPVTAQAYRAEQLYEGPADDANCIAIKNCDPKADLMLYVSKMVPTSDKGRFYAFGRV
FAGTVKSGQKVRIQGPNYVPGKKDDLFIKAIQRVVLMMGRFVEPIDDCPAGNIIGLVGIDQFLLKTGTLTTSETAHNMKV
MKFSVSPVVQVAVEVKNANDLPKLVEGLKRLSKSDPCVLTYMSESGEHIVAGTGELHLEICLQDLEHDHAGVPLKISPPV
VAYRETVESESSQTALSKSPNKHNRIYLKAEPIDEEVSLAIENGIINPRDDFKARARIMADDYGWDVTDARKIWCFGPDG
NGPNLVIDQTKAVQYLHEIKDSVVAAFQWATKEGPIFGEEMRSVRVNILDVTLHADAI(DDE)RGGGQIIPTMRRATYAG
FLLADPKIQEPVFLVEIQCPEQAVGGIYSVLNKKRGQVVSEEQRPGTPLFTVKAYLPVNESFGFTGELRQATGGQAFPQM
VFDHWSTLGSDPLDPTSKAGEIVLAARKRHGMKEEVPGWQEYYDKL
;
T
2 'polypeptide(L)' TAAENPNVEVKDYGDIDKAPEERARGITINTAHVE S
#
# COMPACT_ATOMS: atom_id res chain seq x y z
N ALA A 3 21.31 -26.96 -9.49
CA ALA A 3 22.54 -26.10 -9.59
C ALA A 3 23.01 -25.88 -11.04
N PHE A 4 22.87 -24.65 -11.52
CA PHE A 4 23.25 -24.32 -12.89
C PHE A 4 24.36 -23.29 -12.99
N THR A 5 25.00 -23.25 -14.14
CA THR A 5 26.07 -22.30 -14.40
C THR A 5 25.42 -21.07 -15.04
N VAL A 6 26.15 -19.95 -15.04
CA VAL A 6 25.64 -18.72 -15.63
C VAL A 6 25.24 -18.95 -17.08
N ASP A 7 25.98 -19.81 -17.78
CA ASP A 7 25.68 -20.12 -19.17
C ASP A 7 24.37 -20.87 -19.29
N GLN A 8 24.16 -21.83 -18.39
CA GLN A 8 22.93 -22.62 -18.40
C GLN A 8 21.75 -21.71 -18.11
N MET A 9 21.91 -20.80 -17.16
CA MET A 9 20.85 -19.87 -16.81
C MET A 9 20.53 -19.00 -18.01
N ARG A 10 21.56 -18.38 -18.59
CA ARG A 10 21.38 -17.52 -19.75
C ARG A 10 20.72 -18.25 -20.93
N SER A 11 21.03 -19.53 -21.07
CA SER A 11 20.45 -20.33 -22.14
C SER A 11 18.96 -20.57 -21.85
N LEU A 12 18.66 -20.78 -20.57
CA LEU A 12 17.29 -21.02 -20.12
C LEU A 12 16.46 -19.75 -20.35
N MET A 13 17.08 -18.59 -20.14
CA MET A 13 16.43 -17.29 -20.31
C MET A 13 16.17 -16.89 -21.76
N ASP A 14 16.73 -17.63 -22.71
CA ASP A 14 16.51 -17.33 -24.14
C ASP A 14 15.14 -17.82 -24.58
N LYS A 15 14.71 -18.95 -24.01
CA LYS A 15 13.42 -19.54 -24.36
C LYS A 15 12.31 -19.01 -23.47
N VAL A 16 12.02 -17.72 -23.63
CA VAL A 16 10.98 -17.08 -22.84
C VAL A 16 9.62 -17.73 -22.99
N THR A 17 9.48 -18.62 -23.96
CA THR A 17 8.22 -19.32 -24.15
C THR A 17 8.10 -20.31 -22.98
N ASN A 18 9.26 -20.68 -22.44
CA ASN A 18 9.34 -21.64 -21.36
C ASN A 18 9.72 -21.01 -20.03
N VAL A 19 9.30 -19.77 -19.86
CA VAL A 19 9.56 -19.03 -18.64
C VAL A 19 8.20 -18.76 -18.00
N ARG A 20 8.17 -18.66 -16.67
CA ARG A 20 6.95 -18.39 -15.94
C ARG A 20 7.25 -17.40 -14.82
N ASN A 21 6.70 -16.21 -14.95
CA ASN A 21 6.89 -15.18 -13.94
C ASN A 21 5.61 -15.20 -13.11
N MET A 22 5.76 -15.52 -11.83
CA MET A 22 4.59 -15.60 -10.95
C MET A 22 4.92 -15.36 -9.48
N SER A 23 3.89 -15.37 -8.65
CA SER A 23 4.06 -15.18 -7.21
C SER A 23 3.01 -16.02 -6.49
N VAL A 24 3.09 -16.03 -5.17
CA VAL A 24 2.15 -16.78 -4.34
C VAL A 24 1.32 -15.76 -3.55
N ILE A 25 0.00 -15.87 -3.67
CA ILE A 25 -0.94 -14.99 -2.99
C ILE A 25 -1.56 -15.75 -1.84
N ALA A 26 -1.42 -15.24 -0.62
CA ALA A 26 -1.98 -15.93 0.54
C ALA A 26 -2.18 -15.03 1.75
N HIS A 27 -3.25 -15.32 2.49
CA HIS A 27 -3.60 -14.60 3.70
C HIS A 27 -2.60 -15.11 4.75
N VAL A 28 -2.22 -14.28 5.70
CA VAL A 28 -1.27 -14.68 6.75
C VAL A 28 -1.64 -16.02 7.37
N ASP A 29 -0.62 -16.84 7.64
CA ASP A 29 -0.81 -18.15 8.26
C ASP A 29 -1.43 -19.23 7.39
N HIS A 30 -1.77 -18.91 6.14
CA HIS A 30 -2.35 -19.93 5.28
C HIS A 30 -1.31 -20.87 4.69
N GLY A 31 -0.04 -20.66 5.03
CA GLY A 31 1.01 -21.55 4.55
C GLY A 31 1.80 -21.14 3.33
N LYS A 32 1.80 -19.84 3.02
CA LYS A 32 2.55 -19.34 1.86
C LYS A 32 4.03 -19.69 1.96
N SER A 33 4.61 -19.54 3.13
CA SER A 33 6.03 -19.82 3.33
C SER A 33 6.42 -21.28 3.18
N THR A 34 5.71 -22.19 3.86
CA THR A 34 6.06 -23.61 3.79
C THR A 34 5.82 -24.17 2.39
N LEU A 35 4.91 -23.57 1.64
CA LEU A 35 4.68 -24.04 0.29
C LEU A 35 5.86 -23.66 -0.61
N THR A 36 6.38 -22.43 -0.45
CA THR A 36 7.49 -22.01 -1.28
C THR A 36 8.75 -22.76 -0.86
N ASP A 37 8.87 -23.10 0.42
CA ASP A 37 10.04 -23.87 0.85
C ASP A 37 9.97 -25.19 0.11
N SER A 38 8.78 -25.76 0.01
CA SER A 38 8.57 -27.02 -0.70
C SER A 38 9.00 -26.88 -2.16
N LEU A 39 8.58 -25.80 -2.82
CA LEU A 39 8.95 -25.57 -4.21
C LEU A 39 10.46 -25.42 -4.33
N VAL A 40 11.05 -24.62 -3.44
CA VAL A 40 12.49 -24.40 -3.46
C VAL A 40 13.28 -25.69 -3.23
N GLN A 41 12.87 -26.51 -2.28
CA GLN A 41 13.55 -27.77 -1.99
C GLN A 41 13.45 -28.77 -3.14
N ARG A 42 12.35 -28.72 -3.87
CA ARG A 42 12.12 -29.63 -5.00
C ARG A 42 12.71 -29.17 -6.32
N ALA A 43 12.66 -27.87 -6.60
CA ALA A 43 13.16 -27.39 -7.87
C ALA A 43 13.99 -26.12 -7.83
N GLY A 44 14.31 -25.64 -6.63
CA GLY A 44 15.11 -24.43 -6.50
C GLY A 44 16.39 -24.50 -7.32
N ILE A 45 16.84 -23.36 -7.82
CA ILE A 45 18.06 -23.29 -8.62
C ILE A 45 19.12 -22.52 -7.85
N ILE A 46 20.37 -23.00 -7.97
CA ILE A 46 21.49 -22.39 -7.29
C ILE A 46 22.67 -22.36 -8.24
N SER A 47 23.51 -21.33 -8.13
CA SER A 47 24.69 -21.19 -8.98
C SER A 47 25.62 -22.38 -8.81
N ALA A 48 26.22 -22.85 -9.90
CA ALA A 48 27.14 -23.99 -9.85
C ALA A 48 28.40 -23.66 -9.05
N GLY A 67 30.75 -11.86 -1.87
CA GLY A 67 30.34 -11.80 -0.48
C GLY A 67 29.26 -10.77 -0.27
N ILE A 68 28.61 -10.38 -1.36
CA ILE A 68 27.53 -9.41 -1.30
C ILE A 68 26.21 -10.16 -1.24
N THR A 69 25.42 -9.86 -0.22
CA THR A 69 24.13 -10.50 -0.06
C THR A 69 23.05 -9.46 -0.18
N ILE A 70 21.84 -9.93 -0.50
CA ILE A 70 20.72 -9.02 -0.65
C ILE A 70 19.52 -9.61 0.06
N LYS A 71 18.44 -8.83 0.13
CA LYS A 71 17.25 -9.38 0.73
C LYS A 71 16.60 -10.24 -0.36
N SER A 72 16.26 -11.48 -0.05
CA SER A 72 15.65 -12.36 -1.02
C SER A 72 14.42 -11.68 -1.61
N THR A 73 14.43 -11.48 -2.92
CA THR A 73 13.35 -10.81 -3.62
C THR A 73 12.66 -11.71 -4.63
N ALA A 74 13.40 -12.71 -5.11
CA ALA A 74 12.88 -13.65 -6.09
C ALA A 74 13.69 -14.93 -6.09
N ILE A 75 13.05 -16.04 -6.41
CA ILE A 75 13.73 -17.32 -6.44
C ILE A 75 13.49 -17.97 -7.79
N SER A 76 14.49 -18.67 -8.30
CA SER A 76 14.37 -19.35 -9.58
C SER A 76 14.12 -20.85 -9.36
N LEU A 77 13.18 -21.40 -10.13
CA LEU A 77 12.84 -22.81 -10.06
C LEU A 77 13.09 -23.44 -11.45
N TYR A 78 13.38 -24.74 -11.47
CA TYR A 78 13.61 -25.43 -12.72
C TYR A 78 12.71 -26.65 -12.81
N SER A 79 12.07 -26.84 -13.96
CA SER A 79 11.18 -27.97 -14.13
C SER A 79 11.17 -28.56 -15.53
N GLU A 80 11.04 -29.88 -15.58
CA GLU A 80 10.98 -30.61 -16.83
C GLU A 80 9.67 -31.39 -16.86
N MET A 81 8.97 -31.33 -17.99
CA MET A 81 7.72 -32.05 -18.14
C MET A 81 7.95 -33.16 -19.16
N SER A 82 7.10 -34.17 -19.15
CA SER A 82 7.22 -35.28 -20.09
C SER A 82 6.75 -34.79 -21.45
N ASP A 83 7.20 -35.47 -22.49
CA ASP A 83 6.81 -35.09 -23.84
C ASP A 83 5.29 -35.01 -24.01
N GLU A 84 4.54 -35.90 -23.37
CA GLU A 84 3.10 -35.86 -23.50
C GLU A 84 2.54 -34.63 -22.80
N ASP A 85 3.03 -34.37 -21.59
CA ASP A 85 2.58 -33.20 -20.82
C ASP A 85 2.73 -31.92 -21.63
N VAL A 86 3.94 -31.69 -22.14
CA VAL A 86 4.23 -30.49 -22.94
C VAL A 86 3.28 -30.31 -24.11
N LYS A 87 2.70 -31.39 -24.61
CA LYS A 87 1.76 -31.29 -25.73
C LYS A 87 0.45 -30.67 -25.26
N GLU A 88 0.14 -30.87 -23.99
CA GLU A 88 -1.09 -30.35 -23.38
C GLU A 88 -1.05 -28.85 -23.12
N ILE A 89 0.14 -28.27 -23.07
CA ILE A 89 0.28 -26.83 -22.82
C ILE A 89 -0.34 -26.04 -23.96
N LYS A 90 -1.43 -25.32 -23.67
CA LYS A 90 -2.12 -24.53 -24.68
C LYS A 90 -1.42 -23.21 -25.01
N GLN A 91 -0.09 -23.25 -25.13
CA GLN A 91 0.65 -22.05 -25.48
C GLN A 91 2.04 -22.40 -26.03
N LYS A 92 2.57 -21.51 -26.85
CA LYS A 92 3.89 -21.68 -27.49
C LYS A 92 4.95 -22.27 -26.56
N THR A 93 5.45 -23.47 -26.91
CA THR A 93 6.45 -24.14 -26.10
C THR A 93 7.71 -24.55 -26.90
N ASP A 94 8.86 -24.45 -26.27
CA ASP A 94 10.13 -24.81 -26.92
C ASP A 94 10.95 -25.78 -26.06
N GLY A 95 10.65 -27.07 -26.16
CA GLY A 95 11.38 -28.05 -25.37
C GLY A 95 10.63 -28.41 -24.10
N ASN A 96 11.27 -29.23 -23.26
CA ASN A 96 10.64 -29.67 -22.02
C ASN A 96 11.16 -29.04 -20.74
N SER A 97 12.04 -28.05 -20.86
CA SER A 97 12.60 -27.37 -19.70
C SER A 97 11.85 -26.06 -19.42
N PHE A 98 11.67 -25.75 -18.14
CA PHE A 98 10.97 -24.53 -17.79
C PHE A 98 11.69 -23.80 -16.67
N LEU A 99 11.73 -22.48 -16.77
CA LEU A 99 12.36 -21.64 -15.75
C LEU A 99 11.24 -20.88 -15.08
N ILE A 100 11.14 -21.03 -13.78
CA ILE A 100 10.09 -20.37 -13.03
C ILE A 100 10.62 -19.35 -12.04
N ASN A 101 10.19 -18.10 -12.21
CA ASN A 101 10.58 -17.03 -11.32
C ASN A 101 9.48 -16.85 -10.27
N LEU A 102 9.77 -17.24 -9.04
CA LEU A 102 8.82 -17.10 -7.93
C LEU A 102 9.17 -15.74 -7.32
N ILE A 103 8.35 -14.74 -7.62
CA ILE A 103 8.62 -13.40 -7.14
C ILE A 103 7.97 -13.08 -5.81
N ASP A 104 8.78 -12.56 -4.90
CA ASP A 104 8.32 -12.20 -3.57
C ASP A 104 7.36 -11.02 -3.63
N SER A 105 6.33 -11.06 -2.79
CA SER A 105 5.34 -10.00 -2.72
C SER A 105 5.20 -9.59 -1.26
N PRO A 106 5.03 -8.29 -1.00
CA PRO A 106 4.88 -7.79 0.37
C PRO A 106 3.74 -8.50 1.13
N GLY A 107 3.72 -8.33 2.45
CA GLY A 107 2.69 -8.95 3.26
C GLY A 107 1.61 -7.98 3.70
N HIS A 108 1.81 -6.70 3.39
CA HIS A 108 0.82 -5.69 3.75
C HIS A 108 -0.26 -5.71 2.68
N VAL A 109 -1.48 -5.98 3.09
CA VAL A 109 -2.57 -6.04 2.13
C VAL A 109 -3.70 -5.08 2.45
N ASP A 110 -3.40 -3.83 2.10
CA ASP A 110 -4.25 -2.67 2.27
C ASP A 110 -4.46 -2.03 0.90
N PHE A 111 -4.32 -2.83 -0.16
CA PHE A 111 -4.44 -2.32 -1.52
C PHE A 111 -3.31 -1.34 -1.73
N SER A 112 -2.16 -1.63 -1.12
CA SER A 112 -0.98 -0.77 -1.21
C SER A 112 -0.35 -0.81 -2.59
N SER A 113 0.41 0.24 -2.91
CA SER A 113 1.08 0.33 -4.19
C SER A 113 2.36 -0.49 -4.23
N GLU A 114 2.83 -0.94 -3.07
CA GLU A 114 4.06 -1.74 -3.04
C GLU A 114 3.70 -3.12 -3.58
N VAL A 115 2.49 -3.57 -3.27
CA VAL A 115 2.01 -4.86 -3.71
C VAL A 115 1.75 -4.82 -5.22
N THR A 116 1.06 -3.78 -5.68
CA THR A 116 0.77 -3.62 -7.10
C THR A 116 2.05 -3.64 -7.93
N ALA A 117 3.12 -3.05 -7.41
CA ALA A 117 4.39 -3.03 -8.12
C ALA A 117 4.95 -4.44 -8.30
N ALA A 118 4.89 -5.22 -7.23
CA ALA A 118 5.39 -6.59 -7.25
C ALA A 118 4.60 -7.48 -8.21
N LEU A 119 3.28 -7.31 -8.21
CA LEU A 119 2.44 -8.11 -9.08
C LEU A 119 2.66 -7.73 -10.54
N ARG A 120 2.90 -6.45 -10.77
CA ARG A 120 3.12 -5.93 -12.11
C ARG A 120 4.18 -6.65 -12.91
N VAL A 121 5.19 -7.19 -12.22
CA VAL A 121 6.26 -7.90 -12.90
C VAL A 121 5.99 -9.41 -13.04
N THR A 122 4.80 -9.84 -12.63
CA THR A 122 4.42 -11.25 -12.73
C THR A 122 3.29 -11.38 -13.76
N ASP A 123 3.06 -12.60 -14.24
CA ASP A 123 2.01 -12.87 -15.21
C ASP A 123 0.99 -13.88 -14.69
N GLY A 124 1.38 -14.68 -13.71
CA GLY A 124 0.46 -15.65 -13.17
C GLY A 124 0.60 -15.69 -11.67
N ALA A 125 -0.38 -16.27 -10.97
CA ALA A 125 -0.31 -16.35 -9.51
C ALA A 125 -0.85 -17.65 -8.95
N LEU A 126 -0.18 -18.13 -7.91
CA LEU A 126 -0.58 -19.34 -7.21
C LEU A 126 -1.29 -18.84 -5.96
N VAL A 127 -2.61 -18.95 -5.95
CA VAL A 127 -3.41 -18.48 -4.82
C VAL A 127 -3.63 -19.57 -3.77
N VAL A 128 -3.16 -19.33 -2.55
CA VAL A 128 -3.33 -20.30 -1.48
C VAL A 128 -4.58 -20.00 -0.67
N VAL A 129 -5.42 -21.01 -0.51
CA VAL A 129 -6.65 -20.86 0.26
C VAL A 129 -6.68 -21.95 1.31
N ASP A 130 -7.13 -21.61 2.50
CA ASP A 130 -7.19 -22.57 3.59
C ASP A 130 -8.43 -23.47 3.50
N THR A 131 -8.22 -24.76 3.73
CA THR A 131 -9.30 -25.74 3.71
C THR A 131 -10.44 -25.28 4.62
N ILE A 132 -10.11 -24.96 5.86
CA ILE A 132 -11.11 -24.54 6.82
C ILE A 132 -11.59 -23.08 6.71
N GLU A 133 -10.69 -22.12 6.88
CA GLU A 133 -11.07 -20.72 6.82
C GLU A 133 -11.58 -20.25 5.45
N GLY A 134 -11.20 -20.97 4.40
CA GLY A 134 -11.64 -20.58 3.06
C GLY A 134 -11.00 -19.29 2.62
N VAL A 135 -11.67 -18.57 1.73
CA VAL A 135 -11.15 -17.30 1.22
C VAL A 135 -11.45 -16.16 2.18
N CYS A 136 -10.41 -15.51 2.66
CA CYS A 136 -10.56 -14.39 3.60
C CYS A 136 -10.26 -13.07 2.88
N VAL A 137 -10.70 -11.96 3.47
CA VAL A 137 -10.52 -10.64 2.88
C VAL A 137 -9.11 -10.35 2.36
N GLN A 138 -8.09 -10.76 3.10
CA GLN A 138 -6.71 -10.54 2.69
C GLN A 138 -6.46 -11.22 1.34
N THR A 139 -7.00 -12.42 1.21
CA THR A 139 -6.88 -13.23 0.00
C THR A 139 -7.57 -12.53 -1.16
N GLU A 140 -8.79 -12.06 -0.91
CA GLU A 140 -9.57 -11.36 -1.90
C GLU A 140 -8.89 -10.07 -2.34
N THR A 141 -8.25 -9.41 -1.39
CA THR A 141 -7.56 -8.16 -1.66
C THR A 141 -6.39 -8.27 -2.63
N VAL A 142 -5.53 -9.27 -2.42
CA VAL A 142 -4.38 -9.42 -3.31
C VAL A 142 -4.82 -9.98 -4.65
N LEU A 143 -5.76 -10.92 -4.60
CA LEU A 143 -6.27 -11.51 -5.82
C LEU A 143 -6.92 -10.43 -6.69
N ARG A 144 -7.70 -9.56 -6.06
CA ARG A 144 -8.36 -8.46 -6.75
C ARG A 144 -7.32 -7.56 -7.41
N GLN A 145 -6.26 -7.24 -6.67
CA GLN A 145 -5.18 -6.40 -7.22
C GLN A 145 -4.52 -7.15 -8.36
N ALA A 146 -4.32 -8.45 -8.18
CA ALA A 146 -3.68 -9.26 -9.21
C ALA A 146 -4.50 -9.22 -10.50
N LEU A 147 -5.79 -9.48 -10.38
CA LEU A 147 -6.68 -9.46 -11.55
C LEU A 147 -6.61 -8.11 -12.24
N GLY A 148 -6.40 -7.06 -11.46
CA GLY A 148 -6.29 -5.74 -12.04
C GLY A 148 -5.05 -5.58 -12.88
N GLU A 149 -4.08 -6.50 -12.71
CA GLU A 149 -2.84 -6.47 -13.48
C GLU A 149 -2.92 -7.55 -14.55
N ARG A 150 -4.14 -8.02 -14.81
CA ARG A 150 -4.37 -9.09 -15.78
C ARG A 150 -3.50 -10.31 -15.55
N ILE A 151 -3.42 -10.71 -14.29
CA ILE A 151 -2.65 -11.87 -13.90
C ILE A 151 -3.61 -13.06 -13.88
N LYS A 152 -3.14 -14.22 -14.34
CA LYS A 152 -3.97 -15.40 -14.33
C LYS A 152 -3.76 -16.17 -13.03
N PRO A 153 -4.86 -16.56 -12.37
CA PRO A 153 -4.80 -17.30 -11.10
C PRO A 153 -4.96 -18.82 -11.23
N VAL A 154 -4.40 -19.50 -10.24
CA VAL A 154 -4.42 -20.95 -10.11
C VAL A 154 -4.48 -21.10 -8.58
N VAL A 155 -5.28 -22.05 -8.11
CA VAL A 155 -5.50 -22.23 -6.69
C VAL A 155 -4.95 -23.50 -6.06
N VAL A 156 -4.63 -23.41 -4.77
CA VAL A 156 -4.18 -24.54 -3.98
C VAL A 156 -4.97 -24.46 -2.67
N ILE A 157 -5.81 -25.45 -2.42
CA ILE A 157 -6.56 -25.46 -1.17
C ILE A 157 -5.61 -26.19 -0.22
N ASN A 158 -5.02 -25.43 0.70
CA ASN A 158 -4.00 -25.90 1.64
C ASN A 158 -4.51 -26.37 3.01
N LYS A 159 -3.61 -26.91 3.84
CA LYS A 159 -3.97 -27.36 5.18
C LYS A 159 -5.04 -28.46 5.18
N VAL A 160 -5.10 -29.26 4.13
CA VAL A 160 -6.10 -30.34 4.07
C VAL A 160 -5.95 -31.33 5.22
N ASP A 161 -4.73 -31.52 5.70
CA ASP A 161 -4.44 -32.45 6.78
C ASP A 161 -5.23 -32.14 8.05
N ARG A 162 -5.54 -30.86 8.26
CA ARG A 162 -6.31 -30.44 9.42
C ARG A 162 -7.70 -31.05 9.42
N ALA A 163 -8.34 -31.07 8.24
CA ALA A 163 -9.68 -31.61 8.12
C ALA A 163 -9.74 -33.12 8.36
N LEU A 164 -8.65 -33.82 8.05
CA LEU A 164 -8.61 -35.26 8.22
C LEU A 164 -8.19 -35.66 9.64
N LEU A 165 -7.17 -35.00 10.17
CA LEU A 165 -6.67 -35.30 11.52
C LEU A 165 -7.41 -34.67 12.68
N GLU A 166 -7.62 -33.35 12.62
CA GLU A 166 -8.31 -32.66 13.70
C GLU A 166 -9.83 -32.78 13.65
N LEU A 167 -10.46 -32.26 12.59
CA LEU A 167 -11.91 -32.28 12.42
C LEU A 167 -12.61 -33.60 12.06
N GLN A 168 -11.85 -34.64 11.70
CA GLN A 168 -12.46 -35.92 11.34
C GLN A 168 -13.53 -35.80 10.25
N VAL A 169 -13.53 -34.70 9.51
CA VAL A 169 -14.50 -34.46 8.46
C VAL A 169 -14.73 -35.68 7.55
N SER A 170 -15.93 -35.78 6.96
CA SER A 170 -16.21 -36.88 6.05
C SER A 170 -15.90 -36.49 4.61
N LYS A 171 -15.77 -37.48 3.74
CA LYS A 171 -15.46 -37.25 2.34
C LYS A 171 -16.38 -36.27 1.65
N GLU A 172 -17.69 -36.47 1.75
CA GLU A 172 -18.63 -35.58 1.10
C GLU A 172 -18.57 -34.17 1.72
N ASP A 173 -18.22 -34.07 3.00
CA ASP A 173 -18.14 -32.76 3.63
C ASP A 173 -16.90 -32.06 3.14
N LEU A 174 -15.81 -32.82 3.03
CA LEU A 174 -14.56 -32.26 2.55
C LEU A 174 -14.81 -31.79 1.12
N TYR A 175 -15.46 -32.64 0.32
CA TYR A 175 -15.76 -32.28 -1.05
C TYR A 175 -16.48 -30.94 -1.09
N GLN A 176 -17.63 -30.89 -0.41
CA GLN A 176 -18.46 -29.68 -0.36
C GLN A 176 -17.65 -28.45 0.05
N THR A 177 -16.76 -28.61 1.02
CA THR A 177 -15.93 -27.50 1.47
C THR A 177 -15.06 -27.03 0.30
N PHE A 178 -14.44 -27.98 -0.39
CA PHE A 178 -13.60 -27.67 -1.55
C PHE A 178 -14.40 -26.92 -2.62
N ALA A 179 -15.58 -27.43 -2.93
CA ALA A 179 -16.45 -26.82 -3.94
C ALA A 179 -16.88 -25.41 -3.58
N ARG A 180 -17.13 -25.16 -2.30
CA ARG A 180 -17.53 -23.82 -1.86
C ARG A 180 -16.36 -22.85 -1.93
N THR A 181 -15.17 -23.33 -1.61
CA THR A 181 -14.00 -22.47 -1.66
C THR A 181 -13.73 -22.09 -3.11
N VAL A 182 -13.92 -23.05 -4.01
CA VAL A 182 -13.68 -22.81 -5.43
C VAL A 182 -14.70 -21.84 -5.99
N GLU A 183 -15.91 -21.86 -5.44
CA GLU A 183 -16.97 -20.96 -5.87
C GLU A 183 -16.69 -19.54 -5.38
N SER A 184 -16.27 -19.43 -4.12
CA SER A 184 -15.97 -18.13 -3.53
C SER A 184 -14.90 -17.45 -4.37
N VAL A 185 -13.92 -18.23 -4.82
CA VAL A 185 -12.83 -17.71 -5.62
C VAL A 185 -13.27 -17.26 -7.01
N ASN A 186 -14.11 -18.06 -7.67
CA ASN A 186 -14.56 -17.70 -9.02
C ASN A 186 -15.56 -16.56 -9.02
N VAL A 187 -15.96 -16.09 -7.83
CA VAL A 187 -16.89 -14.97 -7.70
C VAL A 187 -16.01 -13.73 -7.80
N ILE A 188 -14.86 -13.79 -7.13
CA ILE A 188 -13.93 -12.68 -7.15
C ILE A 188 -13.36 -12.56 -8.55
N VAL A 189 -13.05 -13.69 -9.16
CA VAL A 189 -12.49 -13.68 -10.50
C VAL A 189 -13.51 -13.16 -11.50
N SER A 190 -14.70 -13.75 -11.53
CA SER A 190 -15.68 -13.29 -12.51
C SER A 190 -16.04 -11.81 -12.34
N THR A 191 -15.87 -11.27 -11.13
CA THR A 191 -16.18 -9.87 -10.86
C THR A 191 -15.13 -8.87 -11.34
N TYR A 192 -13.86 -9.18 -11.11
CA TYR A 192 -12.77 -8.27 -11.46
C TYR A 192 -11.90 -8.55 -12.69
N ALA A 193 -12.02 -9.74 -13.27
CA ALA A 193 -11.22 -10.08 -14.43
C ALA A 193 -11.73 -9.41 -15.70
N ASP A 194 -10.79 -8.88 -16.51
CA ASP A 194 -11.14 -8.22 -17.77
C ASP A 194 -11.77 -9.21 -18.73
N GLU A 195 -12.97 -8.88 -19.19
CA GLU A 195 -13.74 -9.72 -20.11
C GLU A 195 -12.95 -10.09 -21.37
N VAL A 196 -11.96 -9.29 -21.72
CA VAL A 196 -11.15 -9.54 -22.90
C VAL A 196 -10.27 -10.79 -22.76
N LEU A 197 -9.98 -11.18 -21.51
CA LEU A 197 -9.15 -12.36 -21.25
C LEU A 197 -9.94 -13.65 -21.39
N GLY A 198 -11.25 -13.53 -21.46
CA GLY A 198 -12.10 -14.70 -21.57
C GLY A 198 -12.48 -15.22 -20.19
N ASP A 199 -12.57 -16.54 -20.06
CA ASP A 199 -12.93 -17.16 -18.78
C ASP A 199 -11.64 -17.47 -18.00
N VAL A 200 -11.34 -16.63 -17.01
CA VAL A 200 -10.14 -16.83 -16.23
C VAL A 200 -10.47 -17.55 -14.91
N GLN A 201 -11.68 -18.08 -14.81
CA GLN A 201 -12.09 -18.80 -13.61
C GLN A 201 -11.27 -20.07 -13.45
N VAL A 202 -11.37 -20.68 -12.27
CA VAL A 202 -10.61 -21.88 -11.97
C VAL A 202 -11.53 -23.11 -11.89
N TYR A 203 -11.10 -24.22 -12.49
CA TYR A 203 -11.87 -25.47 -12.53
C TYR A 203 -11.04 -26.70 -12.14
N PRO A 204 -11.42 -27.39 -11.05
CA PRO A 204 -10.67 -28.57 -10.64
C PRO A 204 -10.50 -29.60 -11.77
N ALA A 205 -11.56 -29.82 -12.54
CA ALA A 205 -11.51 -30.78 -13.65
C ALA A 205 -10.50 -30.39 -14.74
N ARG A 206 -10.24 -29.10 -14.90
CA ARG A 206 -9.28 -28.65 -15.91
C ARG A 206 -7.86 -28.58 -15.35
N GLY A 207 -7.68 -29.02 -14.11
CA GLY A 207 -6.36 -29.03 -13.51
C GLY A 207 -5.83 -27.72 -12.95
N THR A 208 -6.70 -26.74 -12.74
CA THR A 208 -6.24 -25.47 -12.20
C THR A 208 -6.50 -25.32 -10.70
N VAL A 209 -6.73 -26.44 -10.04
CA VAL A 209 -6.91 -26.44 -8.60
C VAL A 209 -6.19 -27.61 -8.00
N ALA A 210 -5.35 -27.34 -7.02
CA ALA A 210 -4.61 -28.39 -6.32
C ALA A 210 -5.17 -28.46 -4.89
N PHE A 211 -4.99 -29.63 -4.26
CA PHE A 211 -5.47 -29.84 -2.90
C PHE A 211 -4.33 -30.50 -2.13
N GLY A 212 -4.09 -30.07 -0.90
CA GLY A 212 -3.01 -30.73 -0.17
C GLY A 212 -2.63 -30.17 1.17
N SER A 213 -1.40 -30.48 1.59
CA SER A 213 -0.85 -30.03 2.86
C SER A 213 0.61 -29.61 2.67
N GLY A 214 0.84 -28.31 2.70
CA GLY A 214 2.19 -27.81 2.52
C GLY A 214 3.13 -28.23 3.62
N LEU A 215 2.59 -28.46 4.82
CA LEU A 215 3.39 -28.87 5.96
C LEU A 215 3.84 -30.33 5.87
N HIS A 216 2.92 -31.20 5.45
CA HIS A 216 3.23 -32.61 5.33
C HIS A 216 3.93 -32.93 4.00
N GLY A 217 4.25 -32.68 2.31
CA GLY A 217 4.89 -32.89 1.02
C GLY A 217 4.14 -33.64 -0.05
N TRP A 218 2.80 -33.61 -0.01
CA TRP A 218 2.01 -34.29 -1.04
C TRP A 218 0.88 -33.42 -1.57
N ALA A 219 0.57 -33.59 -2.84
CA ALA A 219 -0.50 -32.84 -3.49
C ALA A 219 -0.81 -33.53 -4.81
N PHE A 220 -1.95 -33.22 -5.40
CA PHE A 220 -2.33 -33.82 -6.68
C PHE A 220 -3.28 -32.95 -7.51
N THR A 221 -3.43 -33.33 -8.78
CA THR A 221 -4.33 -32.67 -9.71
C THR A 221 -5.20 -33.82 -10.21
N ILE A 222 -6.38 -33.52 -10.74
CA ILE A 222 -7.23 -34.58 -11.26
C ILE A 222 -6.47 -35.22 -12.41
N ARG A 223 -5.77 -34.39 -13.17
CA ARG A 223 -5.00 -34.86 -14.30
C ARG A 223 -4.06 -36.02 -13.98
N GLN A 224 -3.31 -35.90 -12.89
CA GLN A 224 -2.39 -36.95 -12.50
C GLN A 224 -3.13 -38.26 -12.25
N PHE A 225 -4.32 -38.17 -11.63
CA PHE A 225 -5.10 -39.37 -11.36
C PHE A 225 -5.71 -39.93 -12.62
N ALA A 226 -6.05 -39.05 -13.56
CA ALA A 226 -6.63 -39.44 -14.84
C ALA A 226 -5.58 -40.24 -15.62
N THR A 227 -4.35 -39.77 -15.56
CA THR A 227 -3.25 -40.43 -16.23
C THR A 227 -3.10 -41.81 -15.61
N ARG A 228 -3.17 -41.86 -14.28
CA ARG A 228 -3.05 -43.10 -13.52
C ARG A 228 -4.17 -44.13 -13.80
N TYR A 229 -5.41 -43.66 -13.96
CA TYR A 229 -6.53 -44.58 -14.20
C TYR A 229 -6.96 -44.71 -15.66
N ALA A 230 -6.45 -43.86 -16.53
CA ALA A 230 -6.86 -43.93 -17.93
C ALA A 230 -6.47 -45.27 -18.54
N LYS A 231 -5.17 -45.53 -18.60
CA LYS A 231 -4.69 -46.78 -19.16
C LYS A 231 -5.15 -48.00 -18.36
N LYS A 232 -5.98 -47.77 -17.34
CA LYS A 232 -6.49 -48.85 -16.49
C LYS A 232 -7.99 -49.08 -16.67
N PHE A 233 -8.71 -48.02 -17.01
CA PHE A 233 -10.14 -48.09 -17.23
C PHE A 233 -10.43 -48.26 -18.71
N GLY A 234 -9.37 -48.31 -19.51
CA GLY A 234 -9.54 -48.45 -20.95
C GLY A 234 -10.16 -47.22 -21.55
N VAL A 235 -9.86 -46.05 -20.99
CA VAL A 235 -10.41 -44.79 -21.49
C VAL A 235 -9.31 -43.71 -21.55
N ASP A 236 -9.39 -42.79 -22.50
CA ASP A 236 -8.36 -41.74 -22.60
C ASP A 236 -8.53 -40.79 -21.41
N LYS A 237 -7.42 -40.21 -20.93
CA LYS A 237 -7.52 -39.33 -19.78
C LYS A 237 -8.38 -38.09 -19.94
N ALA A 238 -8.58 -37.63 -21.17
CA ALA A 238 -9.41 -36.46 -21.37
C ALA A 238 -10.80 -36.83 -20.83
N LYS A 239 -11.22 -38.04 -21.10
CA LYS A 239 -12.52 -38.52 -20.65
C LYS A 239 -12.47 -38.79 -19.16
N MET A 240 -11.35 -39.35 -18.69
CA MET A 240 -11.18 -39.66 -17.28
C MET A 240 -11.17 -38.47 -16.33
N MET A 241 -10.45 -37.40 -16.69
CA MET A 241 -10.42 -36.27 -15.79
C MET A 241 -11.74 -35.53 -15.71
N ASP A 242 -12.59 -35.68 -16.73
CA ASP A 242 -13.90 -35.02 -16.66
C ASP A 242 -14.74 -35.85 -15.69
N ARG A 243 -14.53 -37.16 -15.70
CA ARG A 243 -15.26 -38.08 -14.84
C ARG A 243 -14.78 -38.13 -13.40
N LEU A 244 -13.56 -37.63 -13.15
CA LEU A 244 -13.00 -37.67 -11.81
C LEU A 244 -13.31 -36.45 -10.96
N TRP A 245 -14.19 -35.59 -11.45
CA TRP A 245 -14.57 -34.40 -10.70
C TRP A 245 -16.05 -34.07 -10.93
N GLY A 246 -16.68 -33.43 -9.95
CA GLY A 246 -18.07 -33.05 -10.10
C GLY A 246 -19.06 -34.20 -10.06
N ASP A 247 -20.20 -34.04 -10.74
CA ASP A 247 -21.25 -35.06 -10.75
C ASP A 247 -21.10 -36.20 -11.74
N SER A 248 -20.10 -37.04 -11.51
CA SER A 248 -19.84 -38.21 -12.33
C SER A 248 -19.83 -39.35 -11.34
N PHE A 249 -20.61 -40.37 -11.64
CA PHE A 249 -20.73 -41.52 -10.78
C PHE A 249 -20.48 -42.78 -11.57
N PHE A 250 -19.80 -43.73 -10.94
CA PHE A 250 -19.55 -45.01 -11.57
C PHE A 250 -20.27 -46.01 -10.70
N ASN A 251 -21.31 -46.62 -11.24
CA ASN A 251 -22.06 -47.62 -10.50
C ASN A 251 -21.34 -48.95 -10.67
N PRO A 252 -20.74 -49.47 -9.60
CA PRO A 252 -20.05 -50.76 -9.76
C PRO A 252 -21.01 -51.87 -10.21
N LYS A 253 -22.28 -51.76 -9.83
CA LYS A 253 -23.30 -52.75 -10.19
C LYS A 253 -23.61 -52.80 -11.68
N THR A 254 -23.64 -51.63 -12.33
CA THR A 254 -23.94 -51.57 -13.76
C THR A 254 -22.65 -51.47 -14.58
N LYS A 255 -21.57 -51.08 -13.91
CA LYS A 255 -20.26 -50.89 -14.53
C LYS A 255 -20.32 -49.71 -15.49
N LYS A 256 -21.29 -48.83 -15.26
CA LYS A 256 -21.45 -47.65 -16.11
C LYS A 256 -21.29 -46.31 -15.41
N TRP A 257 -20.90 -45.31 -16.19
CA TRP A 257 -20.71 -43.95 -15.71
C TRP A 257 -21.93 -43.12 -16.01
N THR A 258 -22.47 -42.45 -14.99
CA THR A 258 -23.66 -41.63 -15.15
C THR A 258 -23.51 -40.29 -14.44
N ASN A 259 -24.48 -39.40 -14.64
CA ASN A 259 -24.44 -38.09 -14.00
C ASN A 259 -25.53 -37.96 -12.91
N LYS A 260 -26.19 -39.08 -12.63
CA LYS A 260 -27.23 -39.14 -11.59
C LYS A 260 -26.66 -39.70 -10.30
N ASP A 261 -26.86 -39.02 -9.18
CA ASP A 261 -26.34 -39.53 -7.92
C ASP A 261 -27.12 -40.69 -7.30
N THR A 262 -28.01 -41.31 -8.07
CA THR A 262 -28.77 -42.46 -7.59
C THR A 262 -28.95 -43.45 -8.74
N ASP A 263 -29.20 -44.70 -8.42
CA ASP A 263 -29.43 -45.69 -9.47
C ASP A 263 -30.93 -45.81 -9.78
N ALA A 264 -31.28 -46.73 -10.67
CA ALA A 264 -32.68 -46.93 -11.04
C ALA A 264 -33.57 -47.09 -9.81
N GLU A 265 -33.12 -47.93 -8.86
CA GLU A 265 -33.88 -48.15 -7.63
C GLU A 265 -33.91 -46.92 -6.74
N GLY A 266 -33.09 -45.94 -7.06
CA GLY A 266 -33.05 -44.70 -6.28
C GLY A 266 -32.03 -44.69 -5.16
N LYS A 267 -31.22 -45.75 -5.08
CA LYS A 267 -30.20 -45.84 -4.04
C LYS A 267 -29.07 -44.86 -4.33
N PRO A 268 -28.43 -44.31 -3.28
CA PRO A 268 -27.33 -43.35 -3.32
C PRO A 268 -26.01 -43.81 -3.94
N LEU A 269 -25.54 -43.07 -4.94
CA LEU A 269 -24.29 -43.41 -5.61
C LEU A 269 -23.16 -42.48 -5.18
N GLU A 270 -22.00 -43.06 -4.89
CA GLU A 270 -20.86 -42.26 -4.48
C GLU A 270 -20.15 -41.65 -5.69
N ARG A 271 -19.94 -40.35 -5.60
CA ARG A 271 -19.27 -39.52 -6.59
C ARG A 271 -17.89 -40.08 -6.98
N ALA A 272 -17.58 -40.12 -8.28
CA ALA A 272 -16.30 -40.63 -8.78
C ALA A 272 -15.06 -40.04 -8.10
N PHE A 273 -15.12 -38.75 -7.78
CA PHE A 273 -14.00 -38.09 -7.11
C PHE A 273 -13.74 -38.74 -5.75
N ASN A 274 -14.81 -39.00 -5.00
CA ASN A 274 -14.76 -39.62 -3.68
C ASN A 274 -14.32 -41.06 -3.73
N MET A 275 -14.87 -41.77 -4.70
CA MET A 275 -14.60 -43.19 -4.85
C MET A 275 -13.22 -43.59 -5.38
N PHE A 276 -12.66 -42.79 -6.29
CA PHE A 276 -11.38 -43.13 -6.88
C PHE A 276 -10.17 -42.33 -6.46
N ILE A 277 -10.37 -41.12 -5.94
CA ILE A 277 -9.25 -40.30 -5.50
C ILE A 277 -9.19 -40.16 -3.98
N LEU A 278 -10.30 -39.84 -3.35
CA LEU A 278 -10.30 -39.69 -1.90
C LEU A 278 -10.20 -40.99 -1.10
N ASP A 279 -11.00 -41.98 -1.48
CA ASP A 279 -11.01 -43.26 -0.77
C ASP A 279 -9.62 -43.89 -0.62
N PRO A 280 -8.85 -43.98 -1.72
CA PRO A 280 -7.51 -44.57 -1.57
C PRO A 280 -6.67 -43.79 -0.53
N ILE A 281 -6.81 -42.47 -0.54
CA ILE A 281 -6.07 -41.62 0.37
C ILE A 281 -6.58 -41.83 1.78
N PHE A 282 -7.90 -41.84 1.92
CA PHE A 282 -8.55 -42.06 3.22
C PHE A 282 -8.14 -43.40 3.82
N ARG A 283 -8.14 -44.45 2.99
CA ARG A 283 -7.76 -45.76 3.45
C ARG A 283 -6.30 -45.82 3.89
N LEU A 284 -5.42 -45.09 3.20
CA LEU A 284 -4.01 -45.07 3.58
C LEU A 284 -3.86 -44.43 4.95
N PHE A 285 -4.52 -43.30 5.15
CA PHE A 285 -4.45 -42.60 6.43
C PHE A 285 -4.97 -43.48 7.55
N THR A 286 -6.20 -43.97 7.39
CA THR A 286 -6.83 -44.83 8.39
C THR A 286 -6.03 -46.08 8.77
N ALA A 287 -5.43 -46.73 7.77
CA ALA A 287 -4.66 -47.95 8.01
C ALA A 287 -3.33 -47.69 8.71
N ILE A 288 -2.62 -46.68 8.24
CA ILE A 288 -1.31 -46.33 8.79
C ILE A 288 -1.42 -45.72 10.18
N MET A 289 -2.37 -44.81 10.37
CA MET A 289 -2.51 -44.17 11.68
C MET A 289 -3.11 -45.07 12.75
N ASN A 290 -3.74 -46.16 12.34
CA ASN A 290 -4.32 -47.09 13.30
C ASN A 290 -3.47 -48.35 13.43
N PHE A 291 -2.27 -48.31 12.87
CA PHE A 291 -1.31 -49.41 12.94
C PHE A 291 -1.79 -50.77 12.47
N LYS A 292 -2.68 -50.79 11.47
CA LYS A 292 -3.18 -52.04 10.91
C LYS A 292 -2.09 -52.67 10.06
N LYS A 293 -1.06 -53.19 10.73
CA LYS A 293 0.10 -53.79 10.08
C LYS A 293 -0.13 -54.94 9.09
N ASP A 294 -1.34 -55.46 9.00
CA ASP A 294 -1.59 -56.53 8.05
C ASP A 294 -2.41 -55.99 6.88
N GLU A 295 -2.85 -54.74 7.00
CA GLU A 295 -3.64 -54.10 5.96
C GLU A 295 -2.82 -53.09 5.16
N ILE A 296 -1.72 -52.62 5.75
CA ILE A 296 -0.86 -51.63 5.11
C ILE A 296 -0.04 -52.15 3.91
N PRO A 297 0.61 -53.32 4.05
CA PRO A 297 1.41 -53.89 2.96
C PRO A 297 0.60 -54.11 1.69
N VAL A 298 -0.63 -54.60 1.84
CA VAL A 298 -1.53 -54.86 0.71
C VAL A 298 -1.90 -53.56 0.03
N LEU A 299 -2.40 -52.62 0.82
CA LEU A 299 -2.81 -51.32 0.31
C LEU A 299 -1.65 -50.67 -0.47
N LEU A 300 -0.45 -50.69 0.10
CA LEU A 300 0.73 -50.12 -0.55
C LEU A 300 1.07 -50.86 -1.83
N GLU A 301 0.92 -52.17 -1.80
CA GLU A 301 1.22 -52.97 -2.98
C GLU A 301 0.24 -52.62 -4.10
N LYS A 302 -1.06 -52.53 -3.76
CA LYS A 302 -2.08 -52.19 -4.74
C LYS A 302 -1.87 -50.83 -5.39
N LEU A 303 -1.36 -49.88 -4.62
CA LEU A 303 -1.09 -48.54 -5.11
C LEU A 303 0.30 -48.44 -5.70
N GLU A 304 0.99 -49.58 -5.73
CA GLU A 304 2.36 -49.66 -6.25
C GLU A 304 3.31 -48.71 -5.53
N ILE A 305 3.29 -48.73 -4.19
CA ILE A 305 4.17 -47.88 -3.39
C ILE A 305 5.25 -48.80 -2.79
N VAL A 306 6.51 -48.41 -2.91
CA VAL A 306 7.59 -49.24 -2.39
C VAL A 306 8.45 -48.62 -1.29
N LEU A 307 8.45 -49.26 -0.14
CA LEU A 307 9.25 -48.80 1.00
C LEU A 307 10.61 -49.48 0.87
N LYS A 308 11.69 -48.71 1.02
CA LYS A 308 13.02 -49.27 0.90
C LYS A 308 13.88 -48.99 2.13
N GLY A 309 14.62 -50.02 2.55
CA GLY A 309 15.48 -49.87 3.71
C GLY A 309 14.77 -49.55 5.01
N ASP A 310 15.34 -48.59 5.74
CA ASP A 310 14.79 -48.18 7.03
C ASP A 310 13.34 -47.77 6.99
N GLU A 311 12.82 -47.45 5.81
CA GLU A 311 11.43 -47.03 5.70
C GLU A 311 10.48 -48.16 6.11
N LYS A 312 10.82 -49.38 5.73
CA LYS A 312 9.98 -50.53 6.07
C LYS A 312 9.66 -50.63 7.56
N ASP A 313 10.45 -49.96 8.41
CA ASP A 313 10.24 -50.00 9.85
C ASP A 313 9.36 -48.89 10.43
N LEU A 314 9.22 -47.80 9.69
CA LEU A 314 8.40 -46.67 10.15
C LEU A 314 6.94 -47.06 10.43
N GLU A 315 6.28 -46.28 11.29
CA GLU A 315 4.87 -46.49 11.64
C GLU A 315 4.25 -45.12 11.88
N GLY A 316 2.94 -45.08 12.08
CA GLY A 316 2.26 -43.82 12.33
C GLY A 316 2.54 -42.70 11.34
N LYS A 317 2.50 -41.46 11.81
CA LYS A 317 2.74 -40.28 10.97
C LYS A 317 4.03 -40.37 10.15
N ALA A 318 5.09 -40.85 10.79
CA ALA A 318 6.38 -40.99 10.11
C ALA A 318 6.22 -41.83 8.86
N LEU A 319 5.50 -42.95 8.98
CA LEU A 319 5.29 -43.82 7.84
C LEU A 319 4.38 -43.11 6.83
N LEU A 320 3.33 -42.49 7.34
CA LEU A 320 2.38 -41.77 6.51
C LEU A 320 3.09 -40.70 5.66
N LYS A 321 3.82 -39.81 6.33
CA LYS A 321 4.54 -38.74 5.63
C LYS A 321 5.36 -39.32 4.49
N VAL A 322 6.10 -40.39 4.79
CA VAL A 322 6.95 -41.04 3.80
C VAL A 322 6.19 -41.73 2.67
N VAL A 323 5.05 -42.35 3.01
CA VAL A 323 4.23 -43.04 2.01
C VAL A 323 3.53 -42.05 1.07
N MET A 324 3.00 -40.96 1.62
CA MET A 324 2.31 -39.95 0.79
C MET A 324 3.26 -39.19 -0.15
N ARG A 325 4.51 -38.99 0.27
CA ARG A 325 5.50 -38.30 -0.55
C ARG A 325 5.82 -39.13 -1.78
N LYS A 326 5.84 -40.46 -1.60
CA LYS A 326 6.12 -41.38 -2.69
C LYS A 326 4.92 -41.52 -3.62
N PHE A 327 3.75 -41.56 -3.02
CA PHE A 327 2.49 -41.73 -3.74
C PHE A 327 2.12 -40.49 -4.55
N LEU A 328 2.28 -39.31 -3.96
CA LEU A 328 1.92 -38.08 -4.66
C LEU A 328 2.83 -36.90 -4.28
N PRO A 329 4.08 -36.89 -4.79
CA PRO A 329 5.01 -35.79 -4.48
C PRO A 329 4.34 -34.45 -4.78
N ALA A 330 4.09 -32.81 -3.07
CA ALA A 330 3.45 -31.51 -3.23
C ALA A 330 3.97 -30.71 -4.41
N ALA A 331 5.26 -30.38 -4.38
CA ALA A 331 5.88 -29.59 -5.45
C ALA A 331 5.41 -30.02 -6.83
N ASP A 332 5.31 -31.32 -7.05
CA ASP A 332 4.87 -31.84 -8.35
C ASP A 332 3.50 -31.32 -8.77
N ALA A 333 2.56 -31.27 -7.83
CA ALA A 333 1.22 -30.79 -8.14
C ALA A 333 1.28 -29.32 -8.52
N LEU A 334 1.97 -28.53 -7.69
CA LEU A 334 2.10 -27.09 -7.94
C LEU A 334 2.83 -26.76 -9.25
N LEU A 335 3.97 -27.38 -9.48
CA LEU A 335 4.73 -27.13 -10.71
C LEU A 335 3.89 -27.45 -11.95
N GLU A 336 3.07 -28.49 -11.84
CA GLU A 336 2.22 -28.91 -12.95
C GLU A 336 1.25 -27.79 -13.34
N MET A 337 0.61 -27.17 -12.35
CA MET A 337 -0.34 -26.09 -12.66
C MET A 337 0.42 -24.87 -13.19
N ILE A 338 1.59 -24.62 -12.63
CA ILE A 338 2.38 -23.47 -13.04
C ILE A 338 2.80 -23.56 -14.50
N VAL A 339 3.41 -24.68 -14.88
CA VAL A 339 3.87 -24.90 -16.24
C VAL A 339 2.73 -25.01 -17.26
N LEU A 340 1.75 -25.87 -16.98
CA LEU A 340 0.64 -26.10 -17.89
C LEU A 340 -0.39 -24.99 -18.00
N HIS A 341 -0.60 -24.24 -16.93
CA HIS A 341 -1.64 -23.21 -16.94
C HIS A 341 -1.27 -21.74 -16.84
N LEU A 342 -0.26 -21.40 -16.03
CA LEU A 342 0.12 -20.00 -15.91
C LEU A 342 0.76 -19.61 -17.23
N PRO A 343 0.53 -18.37 -17.69
CA PRO A 343 1.09 -17.86 -18.95
C PRO A 343 2.57 -17.56 -18.92
N SER A 344 3.20 -17.69 -20.08
CA SER A 344 4.62 -17.37 -20.21
C SER A 344 4.60 -15.88 -20.49
N PRO A 345 5.52 -14.20 -21.03
CA PRO A 345 5.57 -12.75 -21.28
C PRO A 345 5.09 -12.46 -22.72
N VAL A 346 5.45 -13.33 -23.66
CA VAL A 346 5.06 -13.15 -25.06
C VAL A 346 3.54 -13.11 -25.19
N THR A 347 2.89 -14.06 -24.53
CA THR A 347 1.44 -14.16 -24.55
C THR A 347 0.81 -12.96 -23.85
N ALA A 348 1.28 -12.67 -22.65
CA ALA A 348 0.71 -11.59 -21.85
C ALA A 348 0.96 -10.15 -22.31
N GLN A 349 2.19 -9.84 -22.70
CA GLN A 349 2.48 -8.47 -23.13
C GLN A 349 1.68 -8.06 -24.35
N ALA A 350 1.06 -9.03 -25.02
CA ALA A 350 0.26 -8.74 -26.20
C ALA A 350 -1.04 -8.03 -25.83
N TYR A 351 -1.61 -8.37 -24.67
CA TYR A 351 -2.85 -7.72 -24.25
C TYR A 351 -2.66 -6.80 -23.05
N ARG A 352 -1.41 -6.65 -22.59
CA ARG A 352 -1.14 -5.82 -21.44
C ARG A 352 -0.42 -4.54 -21.87
N ALA A 353 0.17 -4.57 -23.06
CA ALA A 353 0.91 -3.44 -23.59
C ALA A 353 0.29 -2.05 -23.40
N GLU A 354 -0.93 -1.87 -23.87
CA GLU A 354 -1.57 -0.56 -23.77
C GLU A 354 -1.73 -0.01 -22.35
N GLN A 355 -2.11 -0.85 -21.39
CA GLN A 355 -2.25 -0.37 -20.01
C GLN A 355 -0.89 0.03 -19.50
N LEU A 356 0.06 -0.89 -19.62
CA LEU A 356 1.42 -0.66 -19.16
C LEU A 356 2.06 0.60 -19.74
N TYR A 357 1.67 0.94 -20.96
CA TYR A 357 2.26 2.11 -21.62
C TYR A 357 1.37 3.35 -21.66
N GLU A 358 1.88 4.45 -21.08
CA GLU A 358 1.16 5.71 -21.07
C GLU A 358 1.09 6.31 -22.48
N GLY A 359 2.17 6.15 -23.24
CA GLY A 359 2.24 6.67 -24.59
C GLY A 359 1.15 6.26 -25.58
N PRO A 360 1.38 6.50 -26.89
CA PRO A 360 0.46 6.17 -27.99
C PRO A 360 0.35 4.66 -28.21
N ALA A 361 -0.86 4.16 -28.43
CA ALA A 361 -1.05 2.73 -28.64
C ALA A 361 -0.43 2.30 -29.96
N ASP A 362 -0.21 3.26 -30.87
CA ASP A 362 0.37 2.99 -32.18
C ASP A 362 1.87 3.27 -32.16
N ASP A 363 2.32 3.80 -31.03
CA ASP A 363 3.73 4.16 -30.78
C ASP A 363 4.73 3.01 -30.99
N ALA A 364 5.94 3.35 -31.42
CA ALA A 364 6.97 2.35 -31.67
C ALA A 364 7.34 1.56 -30.41
N ASN A 365 7.25 2.21 -29.25
CA ASN A 365 7.58 1.54 -28.00
C ASN A 365 6.44 0.65 -27.53
N CYS A 366 5.21 1.09 -27.74
CA CYS A 366 4.07 0.28 -27.36
C CYS A 366 4.10 -1.02 -28.15
N ILE A 367 4.34 -0.93 -29.46
CA ILE A 367 4.40 -2.11 -30.32
C ILE A 367 5.51 -3.05 -29.84
N ALA A 368 6.66 -2.49 -29.49
CA ALA A 368 7.78 -3.29 -29.01
C ALA A 368 7.39 -4.03 -27.72
N ILE A 369 6.49 -3.43 -26.94
CA ILE A 369 6.03 -4.07 -25.72
C ILE A 369 5.07 -5.21 -26.10
N LYS A 370 4.16 -4.94 -27.02
CA LYS A 370 3.20 -5.97 -27.46
C LYS A 370 3.91 -7.19 -28.00
N ASN A 371 5.01 -6.96 -28.72
CA ASN A 371 5.78 -8.05 -29.32
C ASN A 371 6.90 -8.56 -28.41
N CYS A 372 7.09 -7.92 -27.27
CA CYS A 372 8.15 -8.34 -26.35
C CYS A 372 9.41 -8.44 -27.22
N ASP A 373 9.62 -7.41 -28.02
CA ASP A 373 10.74 -7.32 -28.95
C ASP A 373 12.03 -6.93 -28.26
N PRO A 374 13.01 -7.84 -28.25
CA PRO A 374 14.32 -7.60 -27.63
C PRO A 374 15.29 -6.72 -28.45
N LYS A 375 14.97 -6.49 -29.71
CA LYS A 375 15.83 -5.67 -30.58
C LYS A 375 15.39 -4.22 -30.66
N ALA A 376 14.24 -3.91 -30.06
CA ALA A 376 13.71 -2.54 -30.07
C ALA A 376 14.42 -1.70 -29.03
N ASP A 377 14.00 -0.44 -28.90
CA ASP A 377 14.58 0.43 -27.89
C ASP A 377 14.18 -0.13 -26.54
N LEU A 378 14.92 0.26 -25.51
CA LEU A 378 14.66 -0.22 -24.17
C LEU A 378 13.41 0.33 -23.51
N MET A 379 12.68 -0.56 -22.84
CA MET A 379 11.48 -0.22 -22.09
C MET A 379 11.55 -1.08 -20.84
N LEU A 380 12.32 -0.62 -19.86
CA LEU A 380 12.49 -1.35 -18.61
C LEU A 380 11.76 -0.65 -17.47
N TYR A 381 10.81 -1.34 -16.84
CA TYR A 381 10.04 -0.80 -15.72
C TYR A 381 10.69 -1.12 -14.37
N VAL A 382 10.94 -0.11 -13.55
CA VAL A 382 11.54 -0.34 -12.24
C VAL A 382 10.43 -0.51 -11.21
N SER A 383 10.27 -1.74 -10.74
CA SER A 383 9.25 -2.10 -9.78
C SER A 383 9.49 -1.49 -8.39
N LYS A 384 10.72 -1.55 -7.90
CA LYS A 384 11.08 -0.99 -6.60
C LYS A 384 12.59 -1.03 -6.35
N MET A 385 13.04 -0.34 -5.31
CA MET A 385 14.45 -0.35 -4.96
C MET A 385 14.58 -1.36 -3.81
N VAL A 386 15.53 -2.28 -3.93
CA VAL A 386 15.74 -3.31 -2.92
C VAL A 386 16.98 -3.07 -2.08
N PRO A 387 16.87 -3.24 -0.76
CA PRO A 387 17.98 -3.04 0.19
C PRO A 387 19.07 -4.09 -0.01
N THR A 388 20.32 -3.62 -0.03
CA THR A 388 21.47 -4.50 -0.18
C THR A 388 22.38 -4.26 1.00
N SER A 389 23.37 -5.13 1.16
CA SER A 389 24.34 -5.02 2.24
C SER A 389 25.54 -4.19 1.79
N ASP A 390 25.47 -3.69 0.56
CA ASP A 390 26.54 -2.87 0.00
C ASP A 390 26.41 -1.45 0.53
N LYS A 391 26.85 -1.29 1.77
CA LYS A 391 26.83 -0.01 2.48
C LYS A 391 25.85 1.05 1.97
N GLY A 392 24.58 0.90 2.36
CA GLY A 392 23.56 1.87 1.98
C GLY A 392 23.14 1.95 0.53
N ARG A 393 23.52 0.97 -0.29
CA ARG A 393 23.14 0.98 -1.68
C ARG A 393 21.88 0.13 -1.97
N PHE A 394 20.98 0.68 -2.76
CA PHE A 394 19.73 0.02 -3.14
C PHE A 394 19.78 -0.35 -4.61
N TYR A 395 19.51 -1.61 -4.94
CA TYR A 395 19.50 -2.03 -6.34
C TYR A 395 18.11 -1.90 -6.89
N ALA A 396 18.01 -1.53 -8.16
CA ALA A 396 16.71 -1.37 -8.80
C ALA A 396 16.24 -2.74 -9.28
N PHE A 397 14.98 -3.07 -8.96
CA PHE A 397 14.38 -4.34 -9.34
C PHE A 397 13.32 -4.02 -10.38
N GLY A 398 13.25 -4.82 -11.44
CA GLY A 398 12.28 -4.55 -12.47
C GLY A 398 12.14 -5.60 -13.55
N ARG A 399 11.53 -5.20 -14.65
CA ARG A 399 11.31 -6.11 -15.76
C ARG A 399 11.53 -5.44 -17.10
N VAL A 400 12.24 -6.14 -17.98
CA VAL A 400 12.54 -5.64 -19.31
C VAL A 400 11.33 -5.96 -20.18
N PHE A 401 10.60 -4.94 -20.62
CA PHE A 401 9.42 -5.16 -21.45
C PHE A 401 9.76 -5.10 -22.93
N ALA A 402 10.77 -4.30 -23.27
CA ALA A 402 11.22 -4.17 -24.65
C ALA A 402 12.72 -3.95 -24.69
N GLY A 403 13.35 -4.33 -25.80
CA GLY A 403 14.78 -4.18 -25.94
C GLY A 403 15.51 -5.15 -25.06
N THR A 404 16.77 -4.86 -24.74
CA THR A 404 17.56 -5.69 -23.86
C THR A 404 18.49 -4.72 -23.13
N VAL A 405 18.65 -4.91 -21.84
CA VAL A 405 19.52 -4.05 -21.04
C VAL A 405 20.92 -4.65 -20.95
N LYS A 406 21.94 -3.81 -21.00
CA LYS A 406 23.33 -4.29 -20.95
C LYS A 406 24.14 -3.55 -19.92
N SER A 407 25.17 -4.21 -19.39
CA SER A 407 26.04 -3.59 -18.40
C SER A 407 26.85 -2.48 -19.08
N GLY A 408 26.88 -1.32 -18.44
CA GLY A 408 27.62 -0.20 -18.98
C GLY A 408 26.87 0.48 -20.12
N GLN A 409 25.59 0.18 -20.24
CA GLN A 409 24.75 0.76 -21.29
C GLN A 409 24.29 2.16 -20.94
N LYS A 410 24.29 3.06 -21.91
CA LYS A 410 23.81 4.42 -21.68
C LYS A 410 22.29 4.34 -21.80
N VAL A 411 21.59 4.69 -20.72
CA VAL A 411 20.13 4.64 -20.74
C VAL A 411 19.53 5.93 -20.21
N ARG A 412 18.24 6.11 -20.39
CA ARG A 412 17.54 7.31 -19.93
C ARG A 412 16.59 7.02 -18.77
N ILE A 413 16.98 7.42 -17.57
CA ILE A 413 16.17 7.20 -16.36
C ILE A 413 15.06 8.24 -16.23
N GLN A 414 13.81 7.82 -16.33
CA GLN A 414 12.67 8.74 -16.25
C GLN A 414 11.81 8.52 -15.00
N GLY A 415 11.87 9.47 -14.07
CA GLY A 415 11.09 9.37 -12.84
C GLY A 415 9.59 9.37 -13.04
N PRO A 416 8.80 9.49 -11.95
CA PRO A 416 7.34 9.50 -12.00
C PRO A 416 6.71 10.75 -12.63
N ASN A 417 7.51 11.80 -12.79
CA ASN A 417 6.99 13.04 -13.36
C ASN A 417 7.55 13.39 -14.74
N TYR A 418 8.33 12.50 -15.34
CA TYR A 418 8.91 12.76 -16.64
C TYR A 418 7.91 12.82 -17.80
N VAL A 419 8.19 13.73 -18.74
CA VAL A 419 7.38 13.92 -19.93
C VAL A 419 8.35 14.13 -21.10
N PRO A 420 8.15 13.40 -22.21
CA PRO A 420 9.02 13.49 -23.38
C PRO A 420 9.46 14.92 -23.77
N GLY A 421 8.63 15.91 -23.46
CA GLY A 421 8.97 17.28 -23.82
C GLY A 421 9.84 18.05 -22.84
N LYS A 422 9.59 17.87 -21.55
CA LYS A 422 10.35 18.56 -20.51
C LYS A 422 11.54 17.74 -20.03
N LYS A 423 12.46 18.38 -19.31
CA LYS A 423 13.63 17.68 -18.80
C LYS A 423 13.49 17.35 -17.31
N ASP A 424 12.24 17.22 -16.86
CA ASP A 424 11.93 16.88 -15.48
C ASP A 424 12.20 15.39 -15.25
N ASP A 425 12.66 15.04 -14.06
CA ASP A 425 12.95 13.65 -13.72
C ASP A 425 13.90 12.90 -14.65
N LEU A 426 14.32 13.53 -15.74
CA LEU A 426 15.23 12.86 -16.67
C LEU A 426 16.64 12.73 -16.11
N PHE A 427 17.25 11.57 -16.32
CA PHE A 427 18.60 11.30 -15.83
C PHE A 427 19.30 10.34 -16.76
N ILE A 428 20.27 10.83 -17.52
CA ILE A 428 21.01 9.97 -18.41
C ILE A 428 22.24 9.52 -17.65
N LYS A 429 22.45 8.21 -17.61
CA LYS A 429 23.60 7.66 -16.91
C LYS A 429 23.79 6.24 -17.42
N ALA A 430 25.01 5.72 -17.30
CA ALA A 430 25.28 4.36 -17.73
C ALA A 430 24.88 3.41 -16.60
N ILE A 431 24.42 2.22 -16.96
CA ILE A 431 24.03 1.22 -15.97
C ILE A 431 25.32 0.50 -15.63
N GLN A 432 25.71 0.55 -14.36
CA GLN A 432 26.95 -0.08 -13.93
C GLN A 432 27.03 -1.58 -14.07
N ARG A 433 25.95 -2.27 -13.71
CA ARG A 433 25.95 -3.73 -13.78
C ARG A 433 24.53 -4.27 -13.83
N VAL A 434 24.35 -5.36 -14.57
CA VAL A 434 23.06 -6.01 -14.69
C VAL A 434 23.20 -7.29 -13.88
N VAL A 435 22.35 -7.47 -12.89
CA VAL A 435 22.44 -8.64 -12.03
C VAL A 435 21.17 -9.48 -11.97
N LEU A 436 21.35 -10.79 -11.83
CA LEU A 436 20.22 -11.71 -11.68
C LEU A 436 19.84 -11.60 -10.20
N MET A 437 18.58 -11.41 -9.91
CA MET A 437 18.14 -11.32 -8.50
C MET A 437 17.69 -12.71 -8.10
N MET A 438 18.58 -13.46 -7.45
CA MET A 438 18.27 -14.83 -7.02
C MET A 438 18.17 -14.94 -5.50
N GLY A 439 17.00 -14.70 -4.95
CA GLY A 439 16.86 -14.78 -3.51
C GLY A 439 17.60 -13.63 -2.84
N ARG A 440 18.51 -13.96 -1.92
CA ARG A 440 19.27 -12.93 -1.21
C ARG A 440 20.56 -12.59 -1.94
N PHE A 441 20.80 -13.28 -3.04
CA PHE A 441 22.02 -13.07 -3.80
C PHE A 441 21.81 -12.49 -5.19
N VAL A 442 22.91 -12.03 -5.78
CA VAL A 442 22.88 -11.46 -7.10
C VAL A 442 23.96 -12.13 -7.94
N GLU A 443 23.82 -12.04 -9.26
CA GLU A 443 24.78 -12.65 -10.17
C GLU A 443 24.96 -11.73 -11.37
N PRO A 444 26.11 -11.04 -11.44
CA PRO A 444 26.37 -10.14 -12.57
C PRO A 444 26.19 -10.91 -13.88
N ILE A 445 25.61 -10.24 -14.86
CA ILE A 445 25.36 -10.83 -16.17
C ILE A 445 25.61 -9.68 -17.16
N ASP A 446 25.90 -10.00 -18.42
CA ASP A 446 26.18 -8.94 -19.40
C ASP A 446 24.93 -8.25 -19.90
N ASP A 447 23.92 -9.04 -20.26
CA ASP A 447 22.69 -8.47 -20.77
C ASP A 447 21.47 -9.25 -20.36
N CYS A 448 20.31 -8.73 -20.71
CA CYS A 448 19.04 -9.36 -20.40
C CYS A 448 18.01 -8.86 -21.37
N PRO A 449 17.44 -9.76 -22.20
CA PRO A 449 16.43 -9.40 -23.19
C PRO A 449 15.01 -9.26 -22.66
N ALA A 450 14.15 -8.66 -23.48
CA ALA A 450 12.75 -8.43 -23.15
C ALA A 450 12.02 -9.69 -22.68
N GLY A 451 11.20 -9.53 -21.64
CA GLY A 451 10.44 -10.65 -21.10
C GLY A 451 10.95 -11.15 -19.76
N ASN A 452 12.15 -10.72 -19.38
CA ASN A 452 12.75 -11.17 -18.13
C ASN A 452 12.75 -10.19 -16.97
N ILE A 453 12.88 -10.73 -15.76
CA ILE A 453 12.95 -9.96 -14.54
C ILE A 453 14.44 -9.72 -14.34
N ILE A 454 14.83 -8.60 -13.73
CA ILE A 454 16.24 -8.34 -13.56
C ILE A 454 16.50 -7.23 -12.55
N GLY A 455 17.74 -7.15 -12.09
CA GLY A 455 18.14 -6.13 -11.15
C GLY A 455 19.25 -5.23 -11.72
N LEU A 456 19.15 -3.94 -11.47
CA LEU A 456 20.13 -2.96 -11.95
C LEU A 456 20.89 -2.27 -10.82
N VAL A 457 22.21 -2.23 -10.92
CA VAL A 457 23.00 -1.57 -9.89
C VAL A 457 23.52 -0.24 -10.43
N GLY A 458 23.44 0.79 -9.59
CA GLY A 458 23.90 2.11 -9.98
C GLY A 458 22.79 3.10 -10.25
N ILE A 459 21.54 2.67 -10.09
CA ILE A 459 20.39 3.55 -10.33
C ILE A 459 19.87 4.24 -9.06
N ASP A 460 20.41 3.84 -7.91
CA ASP A 460 20.03 4.36 -6.58
C ASP A 460 19.61 5.83 -6.47
N GLN A 461 20.57 6.72 -6.73
CA GLN A 461 20.40 8.16 -6.64
C GLN A 461 19.34 8.78 -7.54
N PHE A 462 19.23 8.27 -8.75
CA PHE A 462 18.28 8.81 -9.71
C PHE A 462 16.85 8.33 -9.53
N LEU A 463 16.67 7.14 -8.99
CA LEU A 463 15.33 6.63 -8.81
C LEU A 463 15.08 6.06 -7.41
N LEU A 464 13.93 6.42 -6.85
CA LEU A 464 13.52 5.93 -5.53
C LEU A 464 12.09 5.48 -5.73
N LYS A 465 11.89 4.16 -5.70
CA LYS A 465 10.60 3.52 -5.93
C LYS A 465 10.43 3.28 -7.44
N THR A 466 9.24 3.44 -7.98
CA THR A 466 9.03 3.20 -9.41
C THR A 466 9.65 4.21 -10.39
N GLY A 467 9.84 3.74 -11.62
CA GLY A 467 10.43 4.55 -12.68
C GLY A 467 10.32 3.87 -14.03
N THR A 468 11.06 4.35 -15.02
CA THR A 468 11.02 3.78 -16.37
C THR A 468 12.31 4.06 -17.15
N LEU A 469 13.06 3.01 -17.47
CA LEU A 469 14.29 3.17 -18.24
C LEU A 469 14.04 2.95 -19.73
N THR A 470 14.56 3.87 -20.54
CA THR A 470 14.39 3.79 -21.99
C THR A 470 15.66 4.17 -22.71
N THR A 471 15.74 3.79 -23.96
CA THR A 471 16.88 4.08 -24.80
C THR A 471 16.41 4.86 -26.02
N SER A 472 15.20 5.41 -25.90
CA SER A 472 14.57 6.19 -26.94
C SER A 472 14.15 7.56 -26.42
N GLU A 473 14.55 8.60 -27.14
CA GLU A 473 14.24 9.98 -26.76
C GLU A 473 12.73 10.24 -26.84
N THR A 474 12.04 9.40 -27.60
CA THR A 474 10.60 9.49 -27.80
C THR A 474 9.85 8.73 -26.71
N ALA A 475 10.49 7.71 -26.18
CA ALA A 475 9.90 6.85 -25.16
C ALA A 475 9.08 7.58 -24.10
N HIS A 476 7.84 7.12 -23.94
CA HIS A 476 6.96 7.65 -22.91
C HIS A 476 7.15 6.82 -21.68
N ASN A 477 6.70 7.33 -20.54
CA ASN A 477 6.83 6.61 -19.28
C ASN A 477 5.68 5.53 -19.10
N MET A 478 5.87 4.44 -18.23
CA MET A 478 4.86 3.28 -17.86
C MET A 478 3.74 3.51 -16.49
N LYS A 479 2.72 2.46 -15.66
CA LYS A 479 1.27 2.38 -14.44
C LYS A 479 0.44 1.40 -12.81
N VAL A 480 -1.22 0.77 -11.92
CA VAL A 480 -2.09 0.01 -10.15
C VAL A 480 -3.58 -0.99 -8.66
N MET A 481 -5.11 -2.22 -8.10
CA MET A 481 -6.63 -3.26 -6.93
C MET A 481 -8.23 -2.98 -5.92
N LYS A 482 -9.70 -4.71 -3.31
CA LYS A 482 -11.12 -4.46 -2.34
C LYS A 482 -10.85 -4.42 -0.83
N PHE A 483 -7.24 -3.63 2.81
CA PHE A 483 -6.27 -2.89 3.61
C PHE A 483 -6.21 -1.41 3.23
N SER A 484 -5.94 -0.58 4.23
CA SER A 484 -5.85 0.87 4.03
C SER A 484 -4.68 1.22 3.12
N VAL A 485 -4.83 2.28 2.33
CA VAL A 485 -3.78 2.69 1.42
C VAL A 485 -3.44 4.16 1.61
N SER A 486 -4.06 4.78 2.61
CA SER A 486 -3.85 6.20 2.93
C SER A 486 -3.14 6.36 4.26
N PRO A 487 -2.17 7.29 4.33
CA PRO A 487 -1.40 7.55 5.56
C PRO A 487 -2.24 8.24 6.64
N VAL A 488 -3.35 7.64 7.05
CA VAL A 488 -4.22 8.25 8.07
C VAL A 488 -3.72 8.24 9.52
N VAL A 489 -2.72 7.42 9.82
CA VAL A 489 -2.18 7.32 11.18
C VAL A 489 -0.83 8.04 11.25
N GLN A 490 -0.74 9.11 12.03
CA GLN A 490 0.49 9.88 12.10
C GLN A 490 0.92 10.31 13.51
N VAL A 491 2.24 10.39 13.72
CA VAL A 491 2.80 10.81 15.01
C VAL A 491 3.99 11.75 14.79
N ALA A 492 4.36 12.47 15.84
CA ALA A 492 5.50 13.38 15.79
C ALA A 492 6.71 12.62 16.30
N VAL A 493 7.83 12.73 15.58
CA VAL A 493 9.06 12.05 15.95
C VAL A 493 10.17 13.02 16.25
N GLU A 494 10.89 12.76 17.33
CA GLU A 494 11.98 13.64 17.72
C GLU A 494 13.08 12.90 18.50
N VAL A 495 14.32 13.33 18.32
CA VAL A 495 15.45 12.70 18.99
C VAL A 495 15.49 13.05 20.48
N LYS A 496 15.84 12.06 21.30
CA LYS A 496 15.93 12.26 22.75
C LYS A 496 17.19 13.06 23.07
N ASN A 497 18.15 13.02 22.16
CA ASN A 497 19.40 13.74 22.33
C ASN A 497 19.61 14.70 21.15
N ALA A 498 19.29 15.97 21.41
CA ALA A 498 19.39 17.04 20.43
C ALA A 498 20.43 16.85 19.34
N ASN A 499 21.63 16.43 19.73
CA ASN A 499 22.72 16.24 18.78
C ASN A 499 22.47 15.18 17.72
N ASP A 500 21.47 14.34 17.93
CA ASP A 500 21.17 13.26 17.00
C ASP A 500 20.32 13.69 15.80
N LEU A 501 19.72 14.87 15.89
CA LEU A 501 18.87 15.39 14.82
C LEU A 501 19.32 15.06 13.41
N PRO A 502 20.62 15.13 13.11
CA PRO A 502 21.08 14.83 11.76
C PRO A 502 20.76 13.41 11.29
N LYS A 503 20.92 12.45 12.19
CA LYS A 503 20.67 11.05 11.88
C LYS A 503 19.18 10.81 11.66
N LEU A 504 18.35 11.52 12.43
CA LEU A 504 16.91 11.40 12.30
C LEU A 504 16.47 11.90 10.93
N VAL A 505 16.91 13.10 10.58
CA VAL A 505 16.55 13.71 9.30
C VAL A 505 17.00 12.81 8.16
N GLU A 506 18.10 12.12 8.37
CA GLU A 506 18.64 11.22 7.36
C GLU A 506 17.85 9.90 7.36
N GLY A 507 17.50 9.44 8.56
CA GLY A 507 16.77 8.20 8.69
C GLY A 507 15.42 8.26 8.00
N LEU A 508 14.74 9.41 8.11
CA LEU A 508 13.44 9.59 7.49
C LEU A 508 13.54 9.42 5.99
N LYS A 509 14.61 9.97 5.40
CA LYS A 509 14.81 9.86 3.96
C LYS A 509 14.96 8.38 3.59
N ARG A 510 15.81 7.68 4.34
CA ARG A 510 16.03 6.25 4.11
C ARG A 510 14.73 5.46 4.25
N LEU A 511 13.94 5.81 5.27
CA LEU A 511 12.65 5.17 5.53
C LEU A 511 11.66 5.42 4.40
N SER A 512 11.58 6.65 3.94
CA SER A 512 10.67 7.00 2.87
C SER A 512 10.97 6.22 1.60
N LYS A 513 12.25 6.14 1.25
CA LYS A 513 12.69 5.44 0.04
C LYS A 513 12.36 3.95 0.04
N SER A 514 12.47 3.33 1.21
CA SER A 514 12.21 1.90 1.33
C SER A 514 10.74 1.53 1.46
N ASP A 515 9.89 2.50 1.79
CA ASP A 515 8.48 2.22 1.95
C ASP A 515 7.64 3.18 1.10
N PRO A 516 6.88 2.63 0.14
CA PRO A 516 6.04 3.45 -0.74
C PRO A 516 4.86 4.06 0.02
N CYS A 517 4.30 3.28 0.94
CA CYS A 517 3.14 3.73 1.71
C CYS A 517 3.45 4.58 2.94
N VAL A 518 4.73 4.84 3.20
CA VAL A 518 5.09 5.65 4.36
C VAL A 518 5.26 7.12 3.96
N LEU A 519 4.86 8.02 4.86
CA LEU A 519 4.96 9.46 4.59
C LEU A 519 5.60 10.22 5.75
N THR A 520 6.49 11.16 5.42
CA THR A 520 7.15 12.00 6.43
C THR A 520 7.20 13.42 5.90
N TYR A 521 6.92 14.39 6.78
CA TYR A 521 6.93 15.81 6.41
C TYR A 521 7.01 16.65 7.67
N MET A 522 7.37 17.93 7.53
CA MET A 522 7.48 18.82 8.68
C MET A 522 6.16 19.58 8.92
N SER A 523 5.67 19.55 10.15
CA SER A 523 4.40 20.17 10.49
C SER A 523 4.47 21.68 10.64
N GLU A 524 3.31 22.32 10.61
CA GLU A 524 3.20 23.76 10.75
C GLU A 524 3.83 24.21 12.06
N SER A 525 3.87 23.30 13.05
CA SER A 525 4.45 23.63 14.36
C SER A 525 5.91 23.21 14.50
N GLY A 526 6.52 22.80 13.40
CA GLY A 526 7.93 22.42 13.43
C GLY A 526 8.26 21.02 13.94
N GLU A 527 7.37 20.06 13.76
CA GLU A 527 7.63 18.69 14.20
C GLU A 527 7.76 17.77 13.00
N HIS A 528 8.68 16.81 13.08
CA HIS A 528 8.83 15.84 11.99
C HIS A 528 7.63 14.89 12.16
N ILE A 529 6.89 14.68 11.08
CA ILE A 529 5.75 13.80 11.14
C ILE A 529 5.99 12.56 10.31
N VAL A 530 5.62 11.41 10.86
CA VAL A 530 5.74 10.14 10.18
C VAL A 530 4.32 9.58 10.21
N ALA A 531 3.80 9.22 9.04
CA ALA A 531 2.44 8.71 8.93
C ALA A 531 2.42 7.38 8.22
N GLY A 532 1.58 6.48 8.72
CA GLY A 532 1.47 5.16 8.12
C GLY A 532 0.04 4.83 7.77
N THR A 533 -0.09 3.84 6.89
CA THR A 533 -1.36 3.34 6.40
C THR A 533 -2.31 2.91 7.51
N GLY A 534 -1.76 2.22 8.51
CA GLY A 534 -2.55 1.76 9.64
C GLY A 534 -1.68 1.77 10.88
N GLU A 535 -2.28 1.57 12.05
CA GLU A 535 -1.51 1.59 13.29
C GLU A 535 -0.33 0.60 13.28
N LEU A 536 -0.56 -0.58 12.74
CA LEU A 536 0.48 -1.60 12.67
C LEU A 536 1.61 -1.18 11.72
N HIS A 537 1.23 -0.68 10.55
CA HIS A 537 2.21 -0.24 9.56
C HIS A 537 3.11 0.84 10.18
N LEU A 538 2.47 1.83 10.81
CA LEU A 538 3.20 2.93 11.42
C LEU A 538 4.17 2.42 12.49
N GLU A 539 3.77 1.38 13.22
CA GLU A 539 4.60 0.80 14.25
C GLU A 539 5.86 0.16 13.66
N ILE A 540 5.71 -0.61 12.59
CA ILE A 540 6.87 -1.24 11.97
C ILE A 540 7.81 -0.10 11.55
N CYS A 541 7.23 0.88 10.86
CA CYS A 541 7.99 2.03 10.38
C CYS A 541 8.79 2.73 11.47
N LEU A 542 8.15 2.98 12.60
CA LEU A 542 8.83 3.66 13.71
C LEU A 542 9.92 2.77 14.31
N GLN A 543 9.65 1.48 14.39
CA GLN A 543 10.64 0.54 14.91
C GLN A 543 11.84 0.57 13.97
N ASP A 544 11.60 0.36 12.69
CA ASP A 544 12.69 0.38 11.70
C ASP A 544 13.41 1.71 11.65
N LEU A 545 12.67 2.81 11.78
CA LEU A 545 13.29 4.13 11.75
C LEU A 545 14.26 4.25 12.91
N GLU A 546 13.76 4.00 14.11
CA GLU A 546 14.57 4.09 15.31
C GLU A 546 15.75 3.13 15.35
N HIS A 547 15.49 1.86 15.09
CA HIS A 547 16.55 0.85 15.15
C HIS A 547 17.56 0.89 14.01
N ASP A 548 17.10 0.92 12.76
CA ASP A 548 17.98 0.93 11.61
C ASP A 548 18.18 2.29 10.95
N HIS A 549 17.19 2.67 10.15
CA HIS A 549 17.21 3.94 9.41
C HIS A 549 17.91 5.10 10.10
N ALA A 550 17.54 5.41 11.34
CA ALA A 550 18.18 6.50 12.05
C ALA A 550 19.13 5.95 13.11
N GLY A 551 18.73 4.83 13.72
CA GLY A 551 19.56 4.19 14.73
C GLY A 551 19.89 5.08 15.92
N VAL A 552 18.87 5.74 16.47
CA VAL A 552 19.08 6.64 17.60
C VAL A 552 17.79 6.72 18.41
N PRO A 553 17.91 6.91 19.73
CA PRO A 553 16.71 7.01 20.56
C PRO A 553 15.74 8.05 20.01
N LEU A 554 14.49 7.64 19.77
CA LEU A 554 13.49 8.55 19.27
C LEU A 554 12.41 8.72 20.31
N LYS A 555 11.73 9.86 20.28
CA LYS A 555 10.63 10.13 21.20
C LYS A 555 9.38 10.28 20.35
N ILE A 556 8.35 9.50 20.67
CA ILE A 556 7.10 9.51 19.92
C ILE A 556 5.98 10.16 20.72
N SER A 557 5.16 10.93 20.03
CA SER A 557 4.06 11.64 20.67
C SER A 557 3.03 12.14 19.66
N PRO A 558 1.85 12.53 20.17
CA PRO A 558 0.78 13.04 19.32
C PRO A 558 1.23 14.37 18.76
N PRO A 559 -0.02 13.79 17.17
CA PRO A 559 0.36 15.10 16.65
C PRO A 559 -0.43 16.23 17.27
N VAL A 560 0.27 17.31 17.58
CA VAL A 560 -0.33 18.52 18.14
C VAL A 560 -1.18 19.13 17.03
N VAL A 561 -2.39 19.56 17.37
CA VAL A 561 -3.28 20.17 16.39
C VAL A 561 -3.12 21.69 16.44
N ALA A 562 -3.04 22.32 15.28
CA ALA A 562 -2.89 23.77 15.19
C ALA A 562 -4.26 24.44 15.19
N TYR A 563 -4.36 25.60 15.82
CA TYR A 563 -5.61 26.34 15.87
C TYR A 563 -5.42 27.76 15.37
N ARG A 564 -6.52 28.47 15.14
CA ARG A 564 -6.49 29.84 14.69
C ARG A 564 -7.23 30.71 15.70
N GLU A 565 -6.79 31.96 15.80
CA GLU A 565 -7.41 32.89 16.73
C GLU A 565 -8.16 33.97 15.97
N THR A 566 -9.47 34.01 16.14
CA THR A 566 -10.28 34.99 15.46
C THR A 566 -11.28 35.70 16.39
N VAL A 567 -12.06 36.61 15.81
CA VAL A 567 -13.06 37.39 16.53
C VAL A 567 -14.45 37.14 15.90
N GLU A 568 -15.50 37.10 16.73
CA GLU A 568 -16.86 36.85 16.24
C GLU A 568 -17.67 38.11 15.92
N SER A 569 -17.28 39.26 16.49
CA SER A 569 -17.99 40.51 16.23
C SER A 569 -17.04 41.69 16.40
N GLU A 570 -17.55 42.92 16.25
CA GLU A 570 -16.72 44.10 16.39
C GLU A 570 -16.38 44.31 17.86
N SER A 571 -15.32 45.06 18.12
CA SER A 571 -14.91 45.35 19.50
C SER A 571 -16.09 46.02 20.21
N SER A 572 -16.45 45.53 21.39
CA SER A 572 -17.56 46.10 22.12
C SER A 572 -17.31 47.58 22.47
N GLN A 573 -16.08 48.02 22.33
CA GLN A 573 -15.70 49.41 22.58
C GLN A 573 -14.30 49.67 22.06
N THR A 574 -14.05 50.91 21.67
CA THR A 574 -12.75 51.32 21.16
C THR A 574 -11.61 50.83 22.04
N ALA A 575 -10.59 50.24 21.43
CA ALA A 575 -9.43 49.75 22.17
C ALA A 575 -8.45 50.91 22.27
N LEU A 576 -7.92 51.12 23.47
CA LEU A 576 -6.98 52.21 23.67
C LEU A 576 -5.73 51.70 24.39
N SER A 577 -4.58 52.01 23.80
CA SER A 577 -3.30 51.61 24.37
C SER A 577 -2.26 52.69 24.14
N LYS A 578 -1.33 52.83 25.08
CA LYS A 578 -0.28 53.84 24.94
C LYS A 578 1.07 53.16 24.83
N SER A 579 2.08 53.92 24.40
CA SER A 579 3.43 53.40 24.24
C SER A 579 4.19 53.43 25.57
N PRO A 580 5.32 52.73 25.64
CA PRO A 580 6.10 52.74 26.89
C PRO A 580 6.34 54.17 27.36
N ASN A 581 6.64 55.07 26.42
CA ASN A 581 6.87 56.48 26.72
C ASN A 581 5.66 57.10 27.42
N LYS A 582 4.49 56.58 27.09
CA LYS A 582 3.21 57.07 27.59
C LYS A 582 2.82 58.32 26.78
N HIS A 583 3.61 58.64 25.76
CA HIS A 583 3.34 59.79 24.91
C HIS A 583 2.49 59.47 23.67
N ASN A 584 2.51 58.21 23.25
CA ASN A 584 1.76 57.83 22.05
C ASN A 584 0.59 56.91 22.36
N ARG A 585 -0.51 57.11 21.63
CA ARG A 585 -1.69 56.28 21.83
C ARG A 585 -2.35 55.84 20.53
N ILE A 586 -2.81 54.60 20.50
CA ILE A 586 -3.50 54.12 19.31
C ILE A 586 -4.93 53.74 19.72
N TYR A 587 -5.90 54.15 18.90
CA TYR A 587 -7.31 53.85 19.14
C TYR A 587 -7.77 52.94 18.01
N LEU A 588 -8.25 51.75 18.34
CA LEU A 588 -8.71 50.85 17.29
C LEU A 588 -9.85 49.90 17.68
N LYS A 589 -10.43 49.26 16.68
CA LYS A 589 -11.48 48.29 16.90
C LYS A 589 -11.18 47.13 15.96
N ALA A 590 -11.57 45.94 16.37
CA ALA A 590 -11.36 44.75 15.57
C ALA A 590 -12.73 44.22 15.19
N GLU A 591 -12.82 43.60 14.02
CA GLU A 591 -14.07 43.02 13.54
C GLU A 591 -13.77 41.82 12.66
N PRO A 592 -14.71 40.89 12.55
CA PRO A 592 -14.56 39.69 11.73
C PRO A 592 -14.41 39.95 10.25
N ILE A 593 -13.59 39.15 9.58
CA ILE A 593 -13.46 39.26 8.13
C ILE A 593 -14.31 38.08 7.66
N ASP A 594 -15.13 38.30 6.63
CA ASP A 594 -15.99 37.25 6.13
C ASP A 594 -15.17 36.04 5.63
N GLU A 595 -15.68 34.83 5.86
CA GLU A 595 -15.00 33.60 5.40
C GLU A 595 -14.67 33.63 3.91
N GLU A 596 -15.64 34.03 3.09
CA GLU A 596 -15.44 34.07 1.65
C GLU A 596 -14.25 34.96 1.32
N VAL A 597 -14.03 36.00 2.13
CA VAL A 597 -12.93 36.93 1.90
C VAL A 597 -11.61 36.32 2.37
N SER A 598 -11.64 35.66 3.52
CA SER A 598 -10.45 35.02 4.06
C SER A 598 -10.01 33.99 3.02
N LEU A 599 -10.98 33.20 2.57
CA LEU A 599 -10.74 32.17 1.57
C LEU A 599 -10.18 32.79 0.31
N ALA A 600 -10.74 33.92 -0.11
CA ALA A 600 -10.29 34.60 -1.31
C ALA A 600 -8.82 35.03 -1.18
N ILE A 601 -8.43 35.45 0.02
CA ILE A 601 -7.07 35.85 0.27
C ILE A 601 -6.16 34.63 0.26
N GLU A 602 -6.56 33.61 1.02
CA GLU A 602 -5.79 32.39 1.11
C GLU A 602 -5.59 31.72 -0.25
N ASN A 603 -6.61 31.78 -1.11
CA ASN A 603 -6.53 31.11 -2.40
C ASN A 603 -6.15 31.91 -3.66
N GLY A 604 -5.80 33.17 -3.50
CA GLY A 604 -5.38 33.92 -4.68
C GLY A 604 -6.29 34.92 -5.39
N ILE A 605 -7.51 35.17 -4.91
CA ILE A 605 -8.34 36.15 -5.59
C ILE A 605 -7.96 37.55 -5.11
N ILE A 606 -7.74 37.68 -3.81
CA ILE A 606 -7.37 38.97 -3.20
C ILE A 606 -5.92 38.83 -2.75
N ASN A 607 -5.01 39.54 -3.41
CA ASN A 607 -3.60 39.41 -3.09
C ASN A 607 -2.87 40.63 -2.55
N PRO A 608 -1.92 40.38 -1.64
CA PRO A 608 -1.09 41.39 -0.98
C PRO A 608 -0.37 42.31 -1.95
N ARG A 609 0.14 41.75 -3.05
CA ARG A 609 0.87 42.58 -4.00
C ARG A 609 0.07 43.13 -5.17
N ASP A 610 -1.22 42.80 -5.26
CA ASP A 610 -2.02 43.34 -6.36
C ASP A 610 -2.10 44.86 -6.26
N ASP A 611 -2.45 45.49 -7.38
CA ASP A 611 -2.62 46.93 -7.43
C ASP A 611 -3.78 47.26 -6.49
N PHE A 612 -3.52 48.07 -5.47
CA PHE A 612 -4.51 48.42 -4.48
C PHE A 612 -5.84 48.93 -5.08
N LYS A 613 -5.78 49.58 -6.23
CA LYS A 613 -7.01 50.11 -6.82
C LYS A 613 -7.92 49.02 -7.35
N ALA A 614 -7.42 48.20 -8.27
CA ALA A 614 -8.21 47.12 -8.83
C ALA A 614 -8.66 46.16 -7.72
N ARG A 615 -7.78 45.91 -6.74
CA ARG A 615 -8.13 45.02 -5.65
C ARG A 615 -9.31 45.59 -4.87
N ALA A 616 -9.27 46.89 -4.59
CA ALA A 616 -10.33 47.54 -3.84
C ALA A 616 -11.66 47.51 -4.59
N ARG A 617 -11.61 47.59 -5.92
CA ARG A 617 -12.83 47.53 -6.72
C ARG A 617 -13.49 46.17 -6.55
N ILE A 618 -12.67 45.13 -6.50
CA ILE A 618 -13.15 43.77 -6.32
C ILE A 618 -13.72 43.59 -4.92
N MET A 619 -12.95 43.98 -3.91
CA MET A 619 -13.42 43.83 -2.54
C MET A 619 -14.71 44.58 -2.29
N ALA A 620 -14.85 45.74 -2.94
CA ALA A 620 -16.06 46.55 -2.78
C ALA A 620 -17.22 46.05 -3.63
N ASP A 621 -17.00 45.92 -4.93
CA ASP A 621 -18.06 45.49 -5.83
C ASP A 621 -18.48 44.04 -5.71
N ASP A 622 -17.53 43.17 -5.39
CA ASP A 622 -17.84 41.76 -5.29
C ASP A 622 -17.97 41.20 -3.87
N TYR A 623 -17.34 41.85 -2.89
CA TYR A 623 -17.38 41.34 -1.54
C TYR A 623 -18.05 42.25 -0.51
N GLY A 624 -18.70 43.32 -1.00
CA GLY A 624 -19.40 44.22 -0.10
C GLY A 624 -18.57 45.18 0.74
N TRP A 625 -17.29 45.30 0.43
CA TRP A 625 -16.47 46.22 1.21
C TRP A 625 -16.72 47.65 0.76
N ASP A 626 -16.37 48.59 1.64
CA ASP A 626 -16.46 49.99 1.32
C ASP A 626 -15.15 50.21 0.56
N VAL A 627 -15.24 50.73 -0.67
CA VAL A 627 -14.03 50.92 -1.46
C VAL A 627 -12.94 51.80 -0.84
N THR A 628 -13.29 52.75 0.02
CA THR A 628 -12.25 53.57 0.64
C THR A 628 -11.48 52.73 1.66
N ASP A 629 -12.21 51.94 2.44
CA ASP A 629 -11.60 51.06 3.42
C ASP A 629 -10.63 50.12 2.70
N ALA A 630 -11.11 49.55 1.60
CA ALA A 630 -10.30 48.62 0.81
C ALA A 630 -9.06 49.30 0.23
N ARG A 631 -9.23 50.46 -0.38
CA ARG A 631 -8.09 51.15 -0.96
C ARG A 631 -7.06 51.47 0.13
N LYS A 632 -7.53 51.51 1.36
CA LYS A 632 -6.64 51.82 2.48
C LYS A 632 -6.14 50.65 3.33
N ILE A 633 -6.13 49.43 2.80
CA ILE A 633 -5.61 48.35 3.63
C ILE A 633 -4.10 48.67 3.73
N TRP A 634 -3.55 48.62 4.94
CA TRP A 634 -2.13 48.92 5.14
C TRP A 634 -1.23 47.70 4.97
N CYS A 635 -1.76 46.51 5.27
CA CYS A 635 -1.00 45.27 5.16
C CYS A 635 -1.88 44.05 5.44
N PHE A 636 -1.36 42.87 5.10
CA PHE A 636 -2.05 41.60 5.37
C PHE A 636 -1.13 40.94 6.38
N GLY A 637 -1.65 40.00 7.16
CA GLY A 637 -0.82 39.34 8.13
C GLY A 637 -1.38 37.98 8.51
N PRO A 638 -0.55 37.07 9.03
CA PRO A 638 0.89 37.30 9.25
C PRO A 638 1.71 37.10 7.98
N ASP A 639 3.04 37.21 8.11
CA ASP A 639 3.93 37.01 6.96
C ASP A 639 3.63 37.89 5.75
N GLY A 640 2.96 39.01 5.98
CA GLY A 640 2.64 39.92 4.90
C GLY A 640 1.56 39.47 3.92
N ASN A 641 1.05 38.25 4.06
CA ASN A 641 0.03 37.75 3.14
C ASN A 641 -1.11 36.97 3.80
N GLY A 642 -1.17 36.96 5.11
CA GLY A 642 -2.21 36.22 5.78
C GLY A 642 -3.60 36.81 5.66
N PRO A 643 -4.63 36.03 6.04
CA PRO A 643 -6.03 36.46 6.00
C PRO A 643 -6.49 37.31 7.20
N ASN A 644 -5.75 38.39 7.45
CA ASN A 644 -6.04 39.35 8.52
C ASN A 644 -5.59 40.67 7.90
N LEU A 645 -6.29 41.77 8.20
CA LEU A 645 -5.94 43.06 7.62
C LEU A 645 -6.00 44.25 8.56
N VAL A 646 -5.19 45.27 8.23
CA VAL A 646 -5.18 46.52 8.96
C VAL A 646 -5.66 47.55 7.94
N ILE A 647 -6.74 48.25 8.29
CA ILE A 647 -7.27 49.28 7.43
C ILE A 647 -7.12 50.60 8.17
N ASP A 648 -6.70 51.64 7.46
CA ASP A 648 -6.53 52.96 8.05
C ASP A 648 -7.81 53.78 7.96
N GLN A 649 -8.37 54.15 9.10
CA GLN A 649 -9.57 54.98 9.14
C GLN A 649 -9.32 56.28 9.94
N THR A 650 -8.08 56.76 9.95
CA THR A 650 -7.75 58.00 10.66
C THR A 650 -7.99 59.20 9.75
N LYS A 651 -8.27 60.36 10.33
CA LYS A 651 -8.54 61.54 9.51
C LYS A 651 -7.47 62.63 9.44
N ALA A 652 -6.99 63.11 10.58
CA ALA A 652 -5.98 64.16 10.54
C ALA A 652 -4.76 63.94 11.40
N VAL A 653 -4.10 62.80 11.26
CA VAL A 653 -2.90 62.51 12.03
C VAL A 653 -1.70 63.01 11.21
N GLN A 654 -0.98 63.98 11.77
CA GLN A 654 0.17 64.60 11.13
C GLN A 654 1.31 63.70 10.68
N TYR A 655 1.84 62.93 11.61
CA TYR A 655 2.97 62.07 11.28
C TYR A 655 2.57 60.61 11.08
N LEU A 656 1.47 60.40 10.38
CA LEU A 656 0.97 59.06 10.13
C LEU A 656 1.96 58.26 9.27
N HIS A 657 2.30 58.82 8.12
CA HIS A 657 3.23 58.16 7.20
C HIS A 657 4.50 57.65 7.87
N GLU A 658 4.93 58.30 8.94
CA GLU A 658 6.16 57.90 9.62
C GLU A 658 6.05 56.71 10.56
N ILE A 659 4.83 56.38 10.98
CA ILE A 659 4.64 55.27 11.88
C ILE A 659 4.10 54.03 11.17
N LYS A 660 3.77 54.19 9.89
CA LYS A 660 3.23 53.09 9.09
C LYS A 660 4.04 51.81 9.21
N ASP A 661 5.35 51.90 9.01
CA ASP A 661 6.19 50.71 9.11
C ASP A 661 6.08 50.07 10.49
N SER A 662 6.05 50.89 11.53
CA SER A 662 5.94 50.34 12.89
C SER A 662 4.60 49.65 13.10
N VAL A 663 3.53 50.26 12.61
CA VAL A 663 2.20 49.68 12.75
C VAL A 663 2.11 48.35 11.99
N VAL A 664 2.60 48.33 10.75
CA VAL A 664 2.59 47.12 9.94
C VAL A 664 3.37 46.00 10.64
N ALA A 665 4.57 46.32 11.08
CA ALA A 665 5.45 45.37 11.76
C ALA A 665 4.78 44.79 13.00
N ALA A 666 4.09 45.65 13.76
CA ALA A 666 3.39 45.20 14.97
C ALA A 666 2.26 44.27 14.60
N PHE A 667 1.62 44.50 13.47
CA PHE A 667 0.53 43.63 13.04
C PHE A 667 1.08 42.25 12.67
N GLN A 668 2.20 42.22 11.96
CA GLN A 668 2.79 40.93 11.58
C GLN A 668 3.07 40.15 12.85
N TRP A 669 3.47 40.88 13.89
CA TRP A 669 3.78 40.26 15.18
C TRP A 669 2.48 39.81 15.88
N ALA A 670 1.47 40.68 15.90
CA ALA A 670 0.21 40.36 16.55
C ALA A 670 -0.56 39.21 15.90
N THR A 671 -0.63 39.21 14.55
CA THR A 671 -1.37 38.16 13.83
C THR A 671 -0.63 36.84 13.77
N LYS A 672 0.68 36.88 13.99
CA LYS A 672 1.48 35.66 14.01
C LYS A 672 1.30 34.98 15.36
N GLU A 673 1.22 35.78 16.42
CA GLU A 673 1.04 35.25 17.79
C GLU A 673 -0.19 35.83 18.51
N GLY A 674 -1.33 35.19 18.33
CA GLY A 674 -2.56 35.65 18.98
C GLY A 674 -2.48 35.70 20.50
N PRO A 675 -3.34 36.50 21.14
CA PRO A 675 -3.37 36.65 22.61
C PRO A 675 -4.09 35.55 23.39
N ILE A 676 -4.85 34.71 22.70
CA ILE A 676 -5.55 33.64 23.42
C ILE A 676 -4.53 32.63 23.95
N PHE A 677 -3.66 32.13 23.08
CA PHE A 677 -2.62 31.21 23.52
C PHE A 677 -1.46 31.08 22.57
N GLY A 678 -1.26 32.12 21.76
CA GLY A 678 -0.14 32.12 20.82
C GLY A 678 -0.31 31.54 19.44
N GLU A 679 -1.53 31.17 19.06
CA GLU A 679 -1.75 30.62 17.72
C GLU A 679 -1.95 31.81 16.78
N GLU A 680 -1.80 31.58 15.49
CA GLU A 680 -1.98 32.66 14.53
C GLU A 680 -3.42 33.11 14.45
N MET A 681 -3.60 34.38 14.10
CA MET A 681 -4.94 34.91 13.94
C MET A 681 -5.42 34.53 12.55
N ARG A 682 -6.74 34.64 12.35
CA ARG A 682 -7.34 34.38 11.06
C ARG A 682 -8.69 35.08 11.02
N SER A 683 -9.01 35.69 9.88
CA SER A 683 -10.28 36.37 9.69
C SER A 683 -10.45 37.55 10.65
N VAL A 684 -9.35 38.22 10.96
CA VAL A 684 -9.38 39.37 11.85
C VAL A 684 -9.11 40.68 11.09
N ARG A 685 -10.05 41.62 11.22
CA ARG A 685 -9.88 42.92 10.60
C ARG A 685 -9.69 43.94 11.72
N VAL A 686 -8.72 44.84 11.54
CA VAL A 686 -8.43 45.86 12.53
C VAL A 686 -8.54 47.24 11.89
N ASN A 687 -9.39 48.09 12.47
CA ASN A 687 -9.57 49.45 11.97
C ASN A 687 -8.90 50.46 12.90
N ILE A 688 -7.95 51.22 12.36
CA ILE A 688 -7.27 52.22 13.16
C ILE A 688 -8.17 53.46 13.13
N LEU A 689 -8.75 53.78 14.28
CA LEU A 689 -9.65 54.92 14.35
C LEU A 689 -8.93 56.25 14.57
N ASP A 690 -7.86 56.24 15.35
CA ASP A 690 -7.13 57.47 15.60
C ASP A 690 -5.80 57.20 16.28
N VAL A 691 -4.85 58.09 16.02
CA VAL A 691 -3.51 57.98 16.59
C VAL A 691 -3.04 59.36 17.08
N THR A 692 -2.52 59.40 18.31
CA THR A 692 -1.98 60.65 18.86
C THR A 692 -0.50 60.40 19.12
N LEU A 693 0.34 61.16 18.42
CA LEU A 693 1.77 61.00 18.52
C LEU A 693 2.46 62.19 19.16
N HIS A 694 3.68 61.99 19.60
CA HIS A 694 4.47 63.07 20.14
C HIS A 694 5.01 63.85 18.95
N ALA A 695 5.19 65.16 19.13
CA ALA A 695 5.68 66.01 18.05
C ALA A 695 7.07 65.61 17.53
N ASP A 696 7.95 65.19 18.45
CA ASP A 696 9.32 64.82 18.08
C ASP A 696 9.49 63.32 17.81
N ALA A 697 10.04 62.99 16.64
CA ALA A 697 10.23 61.60 16.19
C ALA A 697 11.01 60.75 17.16
N ILE A 698 11.85 61.37 17.97
CA ILE A 698 12.54 60.57 18.95
C ILE A 698 11.47 59.82 19.71
N ARG A 700 8.50 58.16 19.29
CA ARG A 700 7.54 57.84 18.20
C ARG A 700 8.15 56.72 17.37
N GLY A 701 9.40 56.43 17.77
CA GLY A 701 10.23 55.40 17.15
C GLY A 701 9.62 54.03 17.29
N GLY A 702 9.94 53.13 16.37
CA GLY A 702 9.40 51.78 16.38
C GLY A 702 9.37 51.20 17.79
N GLY A 703 10.47 51.38 18.51
CA GLY A 703 10.55 50.85 19.86
C GLY A 703 9.44 51.35 20.75
N GLN A 704 8.72 52.36 20.29
CA GLN A 704 7.62 52.93 21.06
C GLN A 704 6.28 52.55 20.47
N ILE A 705 6.16 52.69 19.15
CA ILE A 705 4.92 52.42 18.44
C ILE A 705 4.64 50.95 18.13
N ILE A 706 5.67 50.16 17.92
CA ILE A 706 5.45 48.74 17.64
C ILE A 706 4.75 48.07 18.83
N PRO A 707 5.20 48.37 20.07
CA PRO A 707 4.55 47.76 21.24
C PRO A 707 3.11 48.26 21.40
N THR A 708 2.93 49.54 21.11
CA THR A 708 1.62 50.20 21.20
C THR A 708 0.61 49.54 20.27
N MET A 709 1.01 49.39 19.00
CA MET A 709 0.15 48.77 18.01
C MET A 709 -0.21 47.32 18.36
N ARG A 710 0.78 46.56 18.84
CA ARG A 710 0.57 45.16 19.21
C ARG A 710 -0.30 45.08 20.45
N ARG A 711 -0.09 46.00 21.37
CA ARG A 711 -0.86 46.01 22.61
C ARG A 711 -2.29 46.41 22.28
N ALA A 712 -2.46 47.40 21.43
CA ALA A 712 -3.79 47.83 21.05
C ALA A 712 -4.52 46.72 20.28
N THR A 713 -3.82 46.06 19.37
CA THR A 713 -4.45 45.02 18.58
C THR A 713 -4.95 43.91 19.49
N TYR A 714 -4.09 43.44 20.39
CA TYR A 714 -4.50 42.40 21.32
C TYR A 714 -5.77 42.83 22.08
N ALA A 715 -5.82 44.10 22.47
CA ALA A 715 -6.95 44.63 23.22
C ALA A 715 -8.23 44.70 22.36
N GLY A 716 -8.09 45.17 21.12
CA GLY A 716 -9.23 45.24 20.25
C GLY A 716 -9.75 43.84 19.99
N PHE A 717 -8.79 42.91 19.84
CA PHE A 717 -9.11 41.52 19.59
C PHE A 717 -9.94 40.95 20.73
N LEU A 718 -9.39 40.99 21.93
CA LEU A 718 -10.08 40.48 23.11
C LEU A 718 -11.44 41.15 23.36
N LEU A 719 -11.58 42.40 22.95
CA LEU A 719 -12.83 43.13 23.10
C LEU A 719 -13.84 42.78 22.01
N ALA A 720 -13.45 41.92 21.08
CA ALA A 720 -14.32 41.55 19.97
C ALA A 720 -14.88 40.12 20.02
N ASP A 721 -15.19 39.65 21.24
CA ASP A 721 -15.74 38.32 21.44
C ASP A 721 -14.86 37.28 20.77
N PRO A 722 -13.67 37.03 21.35
CA PRO A 722 -12.64 36.08 20.88
C PRO A 722 -13.12 34.65 20.77
N LYS A 723 -12.63 33.98 19.72
CA LYS A 723 -12.97 32.58 19.45
C LYS A 723 -11.75 31.92 18.81
N ILE A 724 -11.67 30.60 18.91
CA ILE A 724 -10.57 29.89 18.24
C ILE A 724 -11.20 29.04 17.15
N LEU A 730 -14.03 16.20 5.19
CA LEU A 730 -13.60 15.57 4.01
C LEU A 730 -12.83 14.39 4.27
N VAL A 731 -13.62 13.51 4.69
CA VAL A 731 -13.23 12.22 4.89
C VAL A 731 -14.07 11.45 3.90
N GLU A 732 -13.39 10.80 2.99
CA GLU A 732 -14.04 10.04 1.96
C GLU A 732 -13.95 8.54 2.29
N ILE A 733 -15.10 7.88 2.41
CA ILE A 733 -15.12 6.46 2.76
C ILE A 733 -15.80 5.55 1.74
N GLN A 734 -15.06 4.55 1.25
CA GLN A 734 -15.60 3.58 0.30
C GLN A 734 -15.99 2.32 1.06
N CYS A 735 -17.18 1.79 0.79
CA CYS A 735 -17.63 0.56 1.46
C CYS A 735 -18.95 0.04 0.89
N PRO A 736 -19.27 -1.20 1.24
CA PRO A 736 -20.54 -1.89 0.84
C PRO A 736 -21.75 -1.25 1.45
N GLU A 737 -22.93 -1.35 0.83
CA GLU A 737 -24.14 -0.74 1.38
C GLU A 737 -24.40 -1.10 2.83
N GLN A 738 -24.69 -2.38 3.10
CA GLN A 738 -25.00 -2.83 4.46
C GLN A 738 -24.01 -2.33 5.53
N ALA A 739 -22.83 -1.87 5.12
CA ALA A 739 -21.83 -1.40 6.06
C ALA A 739 -21.93 0.10 6.35
N VAL A 740 -22.49 0.84 5.39
CA VAL A 740 -22.65 2.27 5.52
C VAL A 740 -23.21 2.71 6.87
N GLY A 741 -24.11 1.92 7.43
CA GLY A 741 -24.70 2.28 8.71
C GLY A 741 -23.70 2.50 9.83
N GLY A 742 -22.58 1.80 9.77
CA GLY A 742 -21.56 1.93 10.79
C GLY A 742 -20.88 3.27 10.68
N ILE A 743 -20.75 3.76 9.46
CA ILE A 743 -20.12 5.04 9.20
C ILE A 743 -20.85 6.16 9.93
N TYR A 744 -22.17 6.21 9.78
CA TYR A 744 -22.96 7.24 10.44
C TYR A 744 -22.89 7.07 11.94
N SER A 745 -22.85 5.82 12.38
CA SER A 745 -22.77 5.52 13.80
C SER A 745 -21.51 6.12 14.42
N VAL A 746 -20.35 5.90 13.79
CA VAL A 746 -19.08 6.43 14.29
C VAL A 746 -19.05 7.95 14.23
N LEU A 747 -19.33 8.51 13.05
CA LEU A 747 -19.34 9.95 12.85
C LEU A 747 -20.14 10.69 13.92
N ASN A 748 -21.35 10.20 14.22
CA ASN A 748 -22.18 10.85 15.22
C ASN A 748 -21.53 10.84 16.59
N LYS A 749 -20.64 9.88 16.82
CA LYS A 749 -19.95 9.79 18.09
C LYS A 749 -18.76 10.72 18.12
N LYS A 750 -18.43 11.32 16.96
CA LYS A 750 -17.28 12.20 16.87
C LYS A 750 -17.52 13.56 16.21
N ARG A 751 -18.60 14.21 16.62
CA ARG A 751 -18.97 15.53 16.09
C ARG A 751 -18.81 15.59 14.57
N GLY A 752 -19.02 14.45 13.94
CA GLY A 752 -18.91 14.38 12.49
C GLY A 752 -20.16 14.92 11.82
N GLN A 753 -20.14 14.97 10.49
CA GLN A 753 -21.27 15.49 9.71
C GLN A 753 -21.17 14.95 8.29
N VAL A 754 -22.21 14.26 7.85
CA VAL A 754 -22.23 13.68 6.52
C VAL A 754 -22.37 14.78 5.48
N VAL A 755 -21.72 14.58 4.35
CA VAL A 755 -21.73 15.55 3.27
C VAL A 755 -22.35 15.00 1.98
N SER A 756 -21.97 13.79 1.59
CA SER A 756 -22.52 13.21 0.37
C SER A 756 -22.47 11.68 0.34
N GLU A 757 -23.53 11.07 -0.18
CA GLU A 757 -23.61 9.62 -0.30
C GLU A 757 -23.89 9.24 -1.75
N GLU A 758 -22.84 8.96 -2.51
CA GLU A 758 -22.99 8.59 -3.91
C GLU A 758 -22.72 7.11 -4.16
N GLN A 759 -22.53 6.74 -5.43
CA GLN A 759 -22.26 5.35 -5.80
C GLN A 759 -21.34 5.27 -7.02
N THR A 763 -21.41 -0.71 -11.00
CA THR A 763 -22.15 -0.72 -9.74
C THR A 763 -21.24 -1.07 -8.55
N PRO A 764 -20.07 -0.43 -8.46
CA PRO A 764 -19.15 -0.72 -7.35
C PRO A 764 -19.74 -0.54 -5.94
N LEU A 765 -18.94 0.02 -5.05
CA LEU A 765 -19.37 0.24 -3.67
C LEU A 765 -20.02 1.60 -3.48
N PHE A 766 -20.05 2.06 -2.24
CA PHE A 766 -20.61 3.36 -1.91
C PHE A 766 -19.43 4.23 -1.52
N THR A 767 -19.66 5.53 -1.44
CA THR A 767 -18.62 6.45 -1.04
C THR A 767 -19.29 7.55 -0.23
N VAL A 768 -19.07 7.54 1.07
CA VAL A 768 -19.66 8.54 1.95
C VAL A 768 -18.62 9.61 2.21
N LYS A 769 -19.00 10.87 2.03
CA LYS A 769 -18.10 11.97 2.29
C LYS A 769 -18.62 12.71 3.49
N ALA A 770 -17.71 13.10 4.38
CA ALA A 770 -18.13 13.78 5.58
C ALA A 770 -17.02 14.65 6.16
N TYR A 771 -17.41 15.54 7.05
CA TYR A 771 -16.47 16.42 7.70
C TYR A 771 -16.20 15.77 9.04
N LEU A 772 -14.93 15.70 9.40
CA LEU A 772 -14.52 15.11 10.66
C LEU A 772 -13.48 16.01 11.31
N PRO A 773 -13.80 16.57 12.49
CA PRO A 773 -12.84 17.44 13.18
C PRO A 773 -11.52 16.68 13.32
N VAL A 774 -10.39 17.36 13.11
CA VAL A 774 -9.11 16.67 13.22
C VAL A 774 -8.85 16.13 14.64
N ASN A 775 -9.25 16.87 15.67
CA ASN A 775 -9.01 16.40 17.04
C ASN A 775 -9.94 15.24 17.45
N GLU A 776 -10.72 14.75 16.48
CA GLU A 776 -11.63 13.63 16.72
C GLU A 776 -11.22 12.47 15.81
N SER A 777 -10.06 12.57 15.17
CA SER A 777 -9.61 11.54 14.24
C SER A 777 -8.53 10.60 14.73
N PHE A 778 -8.15 10.70 16.00
CA PHE A 778 -7.12 9.81 16.49
C PHE A 778 -7.79 8.51 16.90
N GLY A 779 -7.49 7.44 16.16
CA GLY A 779 -8.06 6.15 16.43
C GLY A 779 -9.31 5.93 15.61
N PHE A 780 -9.69 6.94 14.83
CA PHE A 780 -10.89 6.85 13.98
C PHE A 780 -10.87 5.62 13.08
N THR A 781 -9.75 5.41 12.40
CA THR A 781 -9.60 4.28 11.49
C THR A 781 -9.92 2.96 12.20
N GLY A 782 -9.62 2.88 13.49
CA GLY A 782 -9.90 1.69 14.26
C GLY A 782 -11.37 1.54 14.56
N GLU A 783 -11.99 2.59 15.10
CA GLU A 783 -13.42 2.56 15.42
C GLU A 783 -14.28 2.35 14.19
N LEU A 784 -13.77 2.73 13.03
CA LEU A 784 -14.52 2.57 11.80
C LEU A 784 -14.55 1.12 11.33
N ARG A 785 -13.40 0.43 11.32
CA ARG A 785 -13.39 -0.96 10.89
C ARG A 785 -14.22 -1.77 11.87
N GLN A 786 -14.18 -1.38 13.14
CA GLN A 786 -14.91 -2.07 14.18
C GLN A 786 -16.42 -1.89 14.01
N ALA A 787 -16.83 -0.76 13.45
CA ALA A 787 -18.24 -0.48 13.26
C ALA A 787 -18.75 -0.90 11.90
N THR A 788 -17.85 -1.28 11.00
CA THR A 788 -18.27 -1.70 9.67
C THR A 788 -17.79 -3.12 9.38
N GLY A 789 -17.36 -3.82 10.42
CA GLY A 789 -16.88 -5.17 10.21
C GLY A 789 -15.68 -5.19 9.29
N GLY A 790 -14.81 -4.19 9.43
CA GLY A 790 -13.60 -4.10 8.62
C GLY A 790 -13.83 -3.94 7.13
N GLN A 791 -14.99 -3.41 6.76
CA GLN A 791 -15.32 -3.23 5.36
C GLN A 791 -15.18 -1.80 4.84
N ALA A 792 -15.10 -0.83 5.74
CA ALA A 792 -14.96 0.58 5.34
C ALA A 792 -13.49 1.00 5.23
N PHE A 793 -13.19 1.81 4.22
CA PHE A 793 -11.84 2.31 3.98
C PHE A 793 -11.82 3.83 3.92
N PRO A 794 -11.30 4.49 4.97
CA PRO A 794 -11.22 5.95 5.07
C PRO A 794 -10.08 6.63 4.30
N GLN A 795 -10.29 7.92 4.08
CA GLN A 795 -9.36 8.79 3.36
C GLN A 795 -9.65 10.16 3.96
N MET A 796 -8.60 10.91 4.31
CA MET A 796 -8.83 12.22 4.91
C MET A 796 -7.86 13.28 4.42
N VAL A 797 -8.39 14.48 4.17
CA VAL A 797 -7.56 15.60 3.74
C VAL A 797 -8.08 16.84 4.47
N PHE A 798 -7.19 17.73 4.89
CA PHE A 798 -7.60 18.95 5.59
C PHE A 798 -8.52 19.78 4.68
N ASP A 799 -9.66 20.20 5.21
CA ASP A 799 -10.57 20.96 4.39
C ASP A 799 -10.77 22.43 4.76
N HIS A 800 -11.14 22.70 6.00
CA HIS A 800 -11.39 24.07 6.41
C HIS A 800 -11.29 24.24 7.92
N TRP A 801 -11.30 25.60 8.08
CA TRP A 801 -11.23 25.97 9.49
C TRP A 801 -12.66 26.19 9.97
N SER A 802 -12.96 25.76 11.20
CA SER A 802 -14.31 25.92 11.73
C SER A 802 -14.27 26.60 13.09
N THR A 803 -15.08 27.65 13.27
CA THR A 803 -15.10 28.40 14.52
C THR A 803 -15.89 27.76 15.65
N LEU A 804 -15.21 27.43 16.75
CA LEU A 804 -15.88 26.83 17.90
C LEU A 804 -16.61 27.94 18.62
N GLY A 805 -17.89 27.72 18.89
CA GLY A 805 -18.72 28.72 19.54
C GLY A 805 -18.47 28.96 21.02
N SER A 806 -17.86 28.00 21.70
CA SER A 806 -17.59 28.14 23.12
C SER A 806 -16.51 29.17 23.44
N ASP A 807 -16.54 29.66 24.69
CA ASP A 807 -15.61 30.66 25.17
C ASP A 807 -14.19 30.14 25.37
N PRO A 808 -13.22 30.70 24.63
CA PRO A 808 -11.81 30.27 24.74
C PRO A 808 -11.23 30.59 26.12
N LEU A 809 -11.80 31.59 26.79
CA LEU A 809 -11.35 32.02 28.11
C LEU A 809 -12.01 31.29 29.29
N ASP A 810 -12.92 30.38 28.99
CA ASP A 810 -13.59 29.60 30.02
C ASP A 810 -12.92 28.23 30.04
N PRO A 811 -12.02 27.99 31.00
CA PRO A 811 -11.29 26.73 31.15
C PRO A 811 -12.13 25.46 31.05
N THR A 812 -13.45 25.57 31.17
CA THR A 812 -14.32 24.39 31.14
C THR A 812 -15.12 24.17 29.87
N SER A 813 -15.08 25.11 28.94
CA SER A 813 -15.82 24.94 27.70
C SER A 813 -14.95 24.14 26.73
N LYS A 814 -15.51 23.68 25.63
CA LYS A 814 -14.75 22.89 24.67
C LYS A 814 -13.52 23.62 24.15
N ALA A 815 -13.69 24.88 23.75
CA ALA A 815 -12.59 25.68 23.26
C ALA A 815 -11.62 25.94 24.42
N GLY A 816 -12.17 26.31 25.57
CA GLY A 816 -11.37 26.60 26.75
C GLY A 816 -10.48 25.47 27.22
N GLU A 817 -10.96 24.24 27.10
CA GLU A 817 -10.18 23.08 27.51
C GLU A 817 -8.96 22.98 26.63
N ILE A 818 -9.17 23.19 25.33
CA ILE A 818 -8.09 23.14 24.35
C ILE A 818 -7.08 24.23 24.66
N VAL A 819 -7.57 25.41 25.01
CA VAL A 819 -6.70 26.54 25.32
C VAL A 819 -5.91 26.32 26.63
N LEU A 820 -6.55 25.70 27.62
CA LEU A 820 -5.91 25.44 28.89
C LEU A 820 -4.83 24.37 28.75
N ALA A 821 -5.09 23.37 27.91
CA ALA A 821 -4.13 22.31 27.67
C ALA A 821 -2.90 22.83 26.95
N ALA A 822 -3.09 23.68 25.96
CA ALA A 822 -1.95 24.23 25.21
C ALA A 822 -1.12 25.17 26.09
N ARG A 823 -1.79 25.96 26.92
CA ARG A 823 -1.10 26.88 27.82
C ARG A 823 -0.24 26.14 28.82
N LYS A 824 -0.77 25.09 29.42
CA LYS A 824 0.01 24.33 30.38
C LYS A 824 1.18 23.67 29.64
N ARG A 825 0.89 23.09 28.49
CA ARG A 825 1.91 22.44 27.69
C ARG A 825 3.07 23.37 27.32
N HIS A 826 2.80 24.67 27.25
CA HIS A 826 3.83 25.65 26.90
C HIS A 826 4.39 26.41 28.10
N GLY A 827 3.97 26.03 29.31
CA GLY A 827 4.47 26.70 30.49
C GLY A 827 4.01 28.13 30.69
N MET A 828 2.83 28.47 30.17
CA MET A 828 2.32 29.83 30.32
C MET A 828 1.44 29.79 31.56
N LYS A 829 0.99 30.96 32.02
CA LYS A 829 0.11 30.99 33.19
C LYS A 829 -1.22 30.47 32.66
N GLU A 830 -1.97 29.77 33.49
CA GLU A 830 -3.24 29.21 33.03
C GLU A 830 -4.29 30.25 32.61
N GLU A 831 -4.54 31.23 33.47
CA GLU A 831 -5.52 32.26 33.14
C GLU A 831 -5.08 33.01 31.89
N VAL A 832 -6.01 33.24 30.98
CA VAL A 832 -5.72 33.98 29.76
C VAL A 832 -5.86 35.47 30.11
N PRO A 833 -4.81 36.26 29.88
CA PRO A 833 -4.96 37.67 30.21
C PRO A 833 -6.16 38.25 29.45
N GLY A 834 -7.00 39.00 30.17
CA GLY A 834 -8.18 39.60 29.55
C GLY A 834 -7.86 40.91 28.88
N TRP A 835 -8.83 41.44 28.14
CA TRP A 835 -8.62 42.69 27.42
C TRP A 835 -8.16 43.86 28.28
N GLN A 836 -8.66 43.94 29.52
CA GLN A 836 -8.27 45.02 30.41
C GLN A 836 -6.76 45.09 30.56
N GLU A 837 -6.10 43.94 30.40
CA GLU A 837 -4.64 43.85 30.53
C GLU A 837 -3.87 44.59 29.44
N TYR A 838 -4.55 44.96 28.36
CA TYR A 838 -3.90 45.65 27.25
C TYR A 838 -4.51 47.01 26.98
N TYR A 839 -5.49 47.35 27.81
CA TYR A 839 -6.19 48.62 27.69
C TYR A 839 -5.59 49.66 28.63
N ASP A 840 -5.24 50.81 28.09
CA ASP A 840 -4.65 51.89 28.88
C ASP A 840 -5.65 53.04 28.95
N LYS A 841 -6.39 53.09 30.05
CA LYS A 841 -7.41 54.11 30.27
C LYS A 841 -6.80 55.50 30.09
N LEU A 842 -7.61 56.44 29.60
CA LEU A 842 -7.15 57.82 29.40
C LEU A 842 -7.04 58.60 30.71
N THR B 1 12.53 -28.29 -6.73
CA THR B 1 13.17 -27.98 -8.00
C THR B 1 14.68 -28.12 -7.92
N ALA B 2 15.25 -27.98 -6.74
CA ALA B 2 16.70 -28.03 -6.60
C ALA B 2 17.23 -29.44 -6.75
N ALA B 3 16.35 -30.43 -6.61
CA ALA B 3 16.67 -31.82 -6.98
C ALA B 3 16.85 -31.98 -8.49
N GLU B 4 16.14 -31.17 -9.26
CA GLU B 4 16.28 -31.17 -10.72
C GLU B 4 17.30 -30.16 -11.26
N ASN B 5 17.47 -29.05 -10.55
CA ASN B 5 18.48 -28.10 -10.94
C ASN B 5 19.35 -27.69 -9.78
N PRO B 6 20.64 -28.00 -9.90
CA PRO B 6 21.68 -27.56 -8.96
C PRO B 6 21.77 -26.03 -8.80
N ASN B 7 21.15 -25.29 -9.71
CA ASN B 7 21.30 -23.83 -9.72
C ASN B 7 20.19 -23.13 -8.96
N VAL B 8 19.48 -23.90 -8.13
CA VAL B 8 18.45 -23.33 -7.30
C VAL B 8 19.00 -23.43 -5.89
N GLU B 9 19.12 -22.30 -5.22
CA GLU B 9 19.40 -22.30 -3.79
C GLU B 9 18.13 -22.69 -3.03
N VAL B 10 18.22 -23.66 -2.11
CA VAL B 10 17.05 -24.03 -1.35
C VAL B 10 16.92 -23.07 -0.17
N LYS B 11 15.68 -22.69 0.12
CA LYS B 11 15.42 -21.86 1.27
C LYS B 11 14.45 -22.60 2.16
N ASP B 12 14.81 -22.77 3.41
CA ASP B 12 13.99 -23.53 4.34
C ASP B 12 13.04 -22.55 5.01
N TYR B 13 12.04 -23.09 5.69
CA TYR B 13 10.99 -22.30 6.31
C TYR B 13 11.56 -21.12 7.09
N GLY B 14 12.61 -21.37 7.88
CA GLY B 14 13.12 -20.37 8.80
C GLY B 14 14.03 -19.35 8.15
N ASP B 15 14.35 -19.60 6.88
CA ASP B 15 15.16 -18.70 6.05
C ASP B 15 14.26 -17.68 5.39
N ILE B 16 12.96 -17.93 5.48
CA ILE B 16 12.00 -17.08 4.81
C ILE B 16 11.29 -16.17 5.82
N ASP B 17 10.77 -16.74 6.91
CA ASP B 17 10.35 -15.98 8.10
C ASP B 17 11.57 -15.84 9.00
N LYS B 18 12.49 -14.96 8.62
CA LYS B 18 13.77 -14.87 9.29
C LYS B 18 13.86 -13.63 10.15
N ALA B 19 12.89 -12.73 10.04
CA ALA B 19 12.99 -11.45 10.72
C ALA B 19 12.74 -11.63 12.18
N PRO B 20 13.31 -10.75 13.02
CA PRO B 20 13.07 -10.92 14.45
C PRO B 20 11.60 -10.71 14.85
N GLU B 21 10.89 -9.83 14.14
CA GLU B 21 9.45 -9.60 14.36
C GLU B 21 8.64 -10.83 13.97
N GLU B 22 9.00 -11.41 12.83
CA GLU B 22 8.26 -12.54 12.31
C GLU B 22 8.35 -13.67 13.29
N ARG B 23 9.55 -13.86 13.85
CA ARG B 23 9.78 -14.87 14.87
C ARG B 23 8.96 -14.57 16.10
N ALA B 24 8.86 -13.29 16.45
CA ALA B 24 8.15 -12.88 17.66
C ALA B 24 6.64 -13.05 17.54
N ARG B 25 6.08 -12.82 16.36
CA ARG B 25 4.65 -12.98 16.20
C ARG B 25 4.31 -14.37 15.69
N GLY B 26 5.30 -15.06 15.11
CA GLY B 26 5.06 -16.37 14.53
C GLY B 26 4.26 -16.34 13.24
N ILE B 27 4.40 -15.24 12.49
CA ILE B 27 3.77 -15.10 11.19
C ILE B 27 4.77 -14.48 10.21
N THR B 28 4.39 -14.42 8.94
CA THR B 28 5.09 -13.61 7.95
C THR B 28 4.59 -12.19 8.04
N ILE B 29 5.52 -11.24 7.96
CA ILE B 29 5.18 -9.85 8.01
C ILE B 29 5.68 -9.19 6.73
N ASN B 30 6.87 -9.59 6.34
CA ASN B 30 7.53 -9.04 5.16
C ASN B 30 7.34 -9.97 3.98
N THR B 31 7.27 -9.40 2.77
CA THR B 31 7.30 -10.23 1.57
C THR B 31 8.71 -10.79 1.43
N ALA B 32 8.85 -12.06 1.07
CA ALA B 32 10.16 -12.60 0.80
C ALA B 32 10.18 -12.95 -0.67
N HIS B 33 11.33 -12.81 -1.30
CA HIS B 33 11.52 -13.21 -2.68
C HIS B 33 12.43 -14.42 -2.73
N VAL B 34 12.01 -15.48 -3.40
CA VAL B 34 12.88 -16.59 -3.65
C VAL B 34 12.88 -16.91 -5.12
N GLU B 35 13.80 -17.77 -5.54
CA GLU B 35 14.09 -18.00 -6.94
C GLU B 35 14.08 -19.51 -7.13
#